data_5MQJ
#
_entry.id   5MQJ
#
_cell.length_a   92.695
_cell.length_b   92.695
_cell.length_c   338.083
_cell.angle_alpha   90.00
_cell.angle_beta   90.00
_cell.angle_gamma   90.00
#
_symmetry.space_group_name_H-M   'P 43 21 2'
#
loop_
_entity.id
_entity.type
_entity.pdbx_description
1 polymer 'Deoxycytidine kinase'
2 non-polymer "URIDINE-5'-DIPHOSPHATE"
3 non-polymer "2'-DEOXYURIDINE 5'-MONOPHOSPHATE"
4 non-polymer 'MAGNESIUM ION'
#
_entity_poly.entity_id   1
_entity_poly.type   'polypeptide(L)'
_entity_poly.pdbx_seq_one_letter_code
;MSYYHHHHHHLESTSLYKKAGLATPPKRSSPSFSASSEGTRIKKISIEGNIAAGKSTFVNILKQLSEDWEVVPEPVARWS
NVQSTQDEFEELTMSQKNGGNVLQMMYEKPERWSFTFQTYACLSRIRAQLASLNGKLKDAEKPVLFFERSVYSDRYIFAS
NLYESECMNETEWTIYQDWHDWMNNQFGQSLELDGIIYLQATPETCLHRIYLRGRNEEQGIPLEYLEKLHYKHESWLLHR
TLKTNFDYLQEVPILTLDVNEDFKDKYESLVEKVKEFLSTL
;
_entity_poly.pdbx_strand_id   A,B,C,D
#
# COMPACT_ATOMS: atom_id res chain seq x y z
N ARG A 41 -29.98 15.75 -37.87
CA ARG A 41 -30.10 15.32 -39.27
C ARG A 41 -30.02 13.78 -39.32
N ILE A 42 -29.32 13.27 -38.31
CA ILE A 42 -29.06 11.87 -38.07
C ILE A 42 -30.27 11.22 -37.43
N LYS A 43 -30.86 10.25 -38.15
CA LYS A 43 -31.98 9.46 -37.66
C LYS A 43 -31.37 8.48 -36.64
N LYS A 44 -32.00 8.30 -35.48
CA LYS A 44 -31.49 7.39 -34.46
C LYS A 44 -32.48 6.26 -34.27
N ILE A 45 -32.02 5.02 -34.43
CA ILE A 45 -32.91 3.86 -34.36
C ILE A 45 -32.34 2.82 -33.41
N SER A 46 -33.19 2.28 -32.53
CA SER A 46 -32.75 1.27 -31.58
C SER A 46 -32.97 -0.14 -32.12
N ILE A 47 -31.98 -1.03 -31.90
CA ILE A 47 -32.12 -2.45 -32.23
C ILE A 47 -32.22 -3.13 -30.87
N GLU A 48 -33.46 -3.55 -30.57
CA GLU A 48 -33.89 -4.13 -29.32
C GLU A 48 -34.24 -5.60 -29.46
N GLY A 49 -34.15 -6.32 -28.34
CA GLY A 49 -34.48 -7.74 -28.27
C GLY A 49 -33.89 -8.36 -27.04
N ASN A 50 -34.28 -9.61 -26.73
CA ASN A 50 -33.78 -10.34 -25.57
C ASN A 50 -32.30 -10.68 -25.80
N ILE A 51 -31.62 -11.18 -24.76
CA ILE A 51 -30.22 -11.60 -24.82
C ILE A 51 -30.09 -12.63 -25.95
N ALA A 52 -29.05 -12.46 -26.80
CA ALA A 52 -28.70 -13.29 -27.96
C ALA A 52 -29.82 -13.49 -28.97
N ALA A 53 -30.67 -12.47 -29.18
CA ALA A 53 -31.73 -12.59 -30.18
C ALA A 53 -31.16 -12.53 -31.61
N GLY A 54 -30.10 -11.74 -31.77
CA GLY A 54 -29.40 -11.53 -33.03
C GLY A 54 -29.24 -10.06 -33.39
N LYS A 55 -29.14 -9.18 -32.35
CA LYS A 55 -29.00 -7.72 -32.50
C LYS A 55 -27.78 -7.32 -33.34
N SER A 56 -26.58 -7.70 -32.90
CA SER A 56 -25.34 -7.42 -33.59
C SER A 56 -25.33 -8.16 -34.91
N THR A 57 -25.79 -9.45 -34.92
CA THR A 57 -25.87 -10.28 -36.12
C THR A 57 -26.67 -9.56 -37.21
N PHE A 58 -27.74 -8.85 -36.81
CA PHE A 58 -28.61 -8.08 -37.70
C PHE A 58 -28.03 -6.71 -38.03
N VAL A 59 -27.50 -6.01 -37.01
CA VAL A 59 -26.92 -4.67 -37.10
C VAL A 59 -25.69 -4.64 -38.07
N ASN A 60 -24.95 -5.76 -38.22
CA ASN A 60 -23.78 -5.84 -39.11
C ASN A 60 -24.19 -6.07 -40.58
N ILE A 61 -25.42 -6.61 -40.79
CA ILE A 61 -25.94 -6.84 -42.14
C ILE A 61 -26.32 -5.48 -42.69
N LEU A 62 -26.89 -4.63 -41.82
CA LEU A 62 -27.29 -3.28 -42.18
C LEU A 62 -26.09 -2.29 -42.27
N LYS A 63 -25.04 -2.46 -41.43
CA LYS A 63 -23.85 -1.59 -41.43
C LYS A 63 -23.10 -1.68 -42.79
N GLN A 64 -23.08 -2.91 -43.35
CA GLN A 64 -22.48 -3.22 -44.64
C GLN A 64 -23.33 -2.62 -45.79
N LEU A 65 -24.70 -2.81 -45.71
CA LEU A 65 -25.74 -2.39 -46.66
C LEU A 65 -25.61 -0.93 -47.19
N SER A 66 -25.14 0.05 -46.37
CA SER A 66 -25.00 1.45 -46.80
C SER A 66 -23.84 2.21 -46.14
N GLU A 67 -23.42 3.31 -46.81
CA GLU A 67 -22.34 4.23 -46.42
C GLU A 67 -22.88 5.30 -45.48
N ASP A 68 -24.17 5.64 -45.68
CA ASP A 68 -24.92 6.60 -44.89
C ASP A 68 -25.43 5.90 -43.62
N TRP A 69 -25.08 4.61 -43.45
CA TRP A 69 -25.50 3.86 -42.28
C TRP A 69 -24.32 3.47 -41.41
N GLU A 70 -24.51 3.64 -40.10
CA GLU A 70 -23.52 3.33 -39.09
C GLU A 70 -24.22 2.87 -37.80
N VAL A 71 -23.55 1.95 -37.04
CA VAL A 71 -24.03 1.32 -35.81
C VAL A 71 -23.26 1.74 -34.56
N VAL A 72 -23.88 1.60 -33.41
CA VAL A 72 -23.28 1.91 -32.12
C VAL A 72 -23.60 0.70 -31.21
N PRO A 73 -22.66 -0.28 -31.17
CA PRO A 73 -22.88 -1.50 -30.37
C PRO A 73 -22.83 -1.25 -28.89
N GLU A 74 -23.41 -2.16 -28.08
CA GLU A 74 -23.37 -1.92 -26.65
C GLU A 74 -21.99 -2.28 -26.13
N PRO A 75 -21.42 -1.47 -25.21
CA PRO A 75 -20.02 -1.68 -24.78
C PRO A 75 -19.74 -2.91 -23.88
N VAL A 76 -20.20 -4.10 -24.31
CA VAL A 76 -20.01 -5.36 -23.61
C VAL A 76 -18.53 -5.65 -23.45
N ALA A 77 -17.75 -5.10 -24.39
CA ALA A 77 -16.30 -5.18 -24.43
C ALA A 77 -15.72 -4.56 -23.17
N ARG A 78 -16.12 -3.29 -22.83
CA ARG A 78 -15.60 -2.59 -21.64
C ARG A 78 -16.24 -3.13 -20.35
N TRP A 79 -17.29 -3.99 -20.44
CA TRP A 79 -17.86 -4.61 -19.25
C TRP A 79 -17.08 -5.88 -18.90
N SER A 80 -16.60 -6.61 -19.92
CA SER A 80 -15.81 -7.85 -19.76
C SER A 80 -14.42 -7.62 -19.16
N ASN A 81 -13.83 -6.46 -19.43
CA ASN A 81 -12.54 -6.04 -18.94
C ASN A 81 -12.71 -4.55 -18.66
N VAL A 82 -12.79 -4.17 -17.37
CA VAL A 82 -12.96 -2.78 -16.96
C VAL A 82 -11.60 -2.05 -16.97
N GLN A 83 -11.42 -1.12 -17.94
CA GLN A 83 -10.18 -0.38 -18.16
C GLN A 83 -10.26 1.12 -17.76
N SER A 84 -9.09 1.76 -17.76
CA SER A 84 -8.80 3.13 -17.36
C SER A 84 -9.04 4.24 -18.44
N THR A 85 -9.73 3.92 -19.57
CA THR A 85 -10.04 4.84 -20.68
C THR A 85 -8.77 5.53 -21.22
N GLN A 86 -7.97 4.78 -21.98
CA GLN A 86 -6.72 5.28 -22.56
C GLN A 86 -6.73 5.25 -24.10
N ASP A 87 -6.16 6.30 -24.73
CA ASP A 87 -6.07 6.46 -26.20
C ASP A 87 -4.85 7.31 -26.57
N GLU A 88 -3.84 6.66 -27.19
CA GLU A 88 -2.58 7.25 -27.68
C GLU A 88 -1.89 8.16 -26.64
N ASN A 98 -5.20 -6.24 -17.30
CA ASN A 98 -6.44 -6.89 -17.76
C ASN A 98 -7.54 -6.87 -16.65
N GLY A 99 -8.31 -5.77 -16.65
CA GLY A 99 -9.39 -5.46 -15.70
C GLY A 99 -10.46 -6.49 -15.49
N GLY A 100 -11.17 -6.39 -14.35
CA GLY A 100 -12.22 -7.31 -13.95
C GLY A 100 -13.40 -7.42 -14.91
N ASN A 101 -14.24 -8.45 -14.68
CA ASN A 101 -15.45 -8.66 -15.48
C ASN A 101 -16.69 -8.43 -14.61
N VAL A 102 -17.20 -7.19 -14.66
CA VAL A 102 -18.35 -6.70 -13.92
C VAL A 102 -19.64 -7.46 -14.31
N LEU A 103 -19.73 -7.91 -15.58
CA LEU A 103 -20.87 -8.70 -16.11
C LEU A 103 -20.84 -10.10 -15.50
N GLN A 104 -19.65 -10.70 -15.35
CA GLN A 104 -19.52 -12.00 -14.72
C GLN A 104 -19.88 -11.90 -13.23
N MET A 105 -19.40 -10.81 -12.54
CA MET A 105 -19.64 -10.50 -11.11
C MET A 105 -21.14 -10.42 -10.78
N MET A 106 -21.88 -9.65 -11.59
CA MET A 106 -23.33 -9.41 -11.58
C MET A 106 -24.06 -10.73 -11.78
N TYR A 107 -23.47 -11.65 -12.58
CA TYR A 107 -24.04 -12.96 -12.82
C TYR A 107 -23.80 -13.85 -11.63
N GLU A 108 -22.54 -14.25 -11.34
CA GLU A 108 -22.23 -15.15 -10.21
C GLU A 108 -22.83 -14.72 -8.84
N LYS A 109 -22.89 -13.39 -8.51
CA LYS A 109 -23.46 -12.90 -7.23
C LYS A 109 -24.27 -11.61 -7.43
N PRO A 110 -25.50 -11.71 -8.01
CA PRO A 110 -26.33 -10.51 -8.30
C PRO A 110 -26.77 -9.66 -7.13
N GLU A 111 -26.82 -10.25 -5.94
CA GLU A 111 -27.20 -9.58 -4.70
C GLU A 111 -26.27 -8.36 -4.51
N ARG A 112 -24.98 -8.56 -4.85
CA ARG A 112 -23.87 -7.64 -4.72
C ARG A 112 -23.58 -6.71 -5.92
N TRP A 113 -23.61 -7.22 -7.15
CA TRP A 113 -23.19 -6.41 -8.29
C TRP A 113 -24.30 -6.00 -9.27
N SER A 114 -25.58 -6.25 -8.94
CA SER A 114 -26.69 -5.83 -9.80
C SER A 114 -26.65 -4.32 -10.07
N PHE A 115 -26.58 -3.49 -8.99
CA PHE A 115 -26.54 -2.02 -9.04
C PHE A 115 -25.27 -1.49 -9.69
N THR A 116 -24.12 -1.96 -9.18
CA THR A 116 -22.81 -1.58 -9.65
C THR A 116 -22.69 -1.81 -11.17
N PHE A 117 -23.14 -2.97 -11.66
CA PHE A 117 -23.08 -3.27 -13.09
C PHE A 117 -23.99 -2.36 -13.89
N GLN A 118 -25.29 -2.32 -13.56
CA GLN A 118 -26.31 -1.54 -14.26
C GLN A 118 -25.99 -0.07 -14.46
N THR A 119 -25.29 0.54 -13.45
CA THR A 119 -24.82 1.93 -13.43
C THR A 119 -23.75 2.08 -14.48
N TYR A 120 -22.76 1.16 -14.50
CA TYR A 120 -21.61 1.17 -15.43
C TYR A 120 -22.07 0.89 -16.82
N ALA A 121 -23.03 -0.04 -16.93
CA ALA A 121 -23.61 -0.47 -18.18
C ALA A 121 -24.29 0.71 -18.85
N CYS A 122 -25.12 1.43 -18.09
CA CYS A 122 -25.82 2.57 -18.64
C CYS A 122 -24.91 3.72 -18.97
N LEU A 123 -23.91 4.02 -18.12
CA LEU A 123 -22.96 5.12 -18.36
C LEU A 123 -22.25 4.86 -19.66
N SER A 124 -21.60 3.71 -19.78
CA SER A 124 -20.85 3.30 -20.99
C SER A 124 -21.66 3.43 -22.30
N ARG A 125 -22.99 3.18 -22.22
CA ARG A 125 -23.93 3.30 -23.33
C ARG A 125 -24.05 4.75 -23.68
N ILE A 126 -24.44 5.60 -22.70
CA ILE A 126 -24.63 7.04 -22.85
C ILE A 126 -23.38 7.66 -23.38
N ARG A 127 -22.25 7.27 -22.82
CA ARG A 127 -20.94 7.71 -23.26
C ARG A 127 -20.72 7.38 -24.76
N ALA A 128 -20.86 6.09 -25.14
CA ALA A 128 -20.65 5.62 -26.51
C ALA A 128 -21.60 6.26 -27.50
N GLN A 129 -22.88 6.23 -27.21
CA GLN A 129 -23.81 6.82 -28.12
C GLN A 129 -23.36 8.25 -28.35
N LEU A 130 -23.45 9.06 -27.33
CA LEU A 130 -23.10 10.47 -27.51
C LEU A 130 -21.93 10.68 -28.44
N ALA A 131 -20.95 9.80 -28.36
CA ALA A 131 -19.77 9.92 -29.19
C ALA A 131 -20.04 9.82 -30.67
N SER A 132 -20.93 8.95 -31.06
CA SER A 132 -21.19 8.72 -32.47
C SER A 132 -21.68 9.94 -33.21
N LEU A 133 -22.50 10.75 -32.57
CA LEU A 133 -23.06 11.92 -33.21
C LEU A 133 -22.00 12.92 -33.67
N ASN A 134 -20.94 13.08 -32.88
CA ASN A 134 -19.82 13.96 -33.22
C ASN A 134 -18.93 13.47 -34.35
N GLY A 135 -19.05 12.21 -34.73
CA GLY A 135 -18.26 11.60 -35.78
C GLY A 135 -18.48 12.24 -37.13
N LYS A 136 -17.52 12.01 -38.01
CA LYS A 136 -17.45 12.62 -39.35
C LYS A 136 -18.58 12.32 -40.35
N LEU A 137 -19.40 11.32 -40.08
CA LEU A 137 -20.53 10.93 -40.92
C LEU A 137 -21.77 11.83 -40.81
N LYS A 138 -21.72 12.88 -40.00
CA LYS A 138 -22.83 13.80 -39.83
C LYS A 138 -23.23 14.45 -41.16
N ASP A 139 -22.28 14.80 -42.01
CA ASP A 139 -22.67 15.41 -43.29
C ASP A 139 -22.88 14.38 -44.39
N ALA A 140 -24.13 14.00 -44.58
CA ALA A 140 -24.50 13.03 -45.61
C ALA A 140 -25.99 13.15 -45.93
N GLU A 141 -26.41 12.57 -47.04
CA GLU A 141 -27.82 12.64 -47.40
C GLU A 141 -28.41 11.33 -46.88
N LYS A 142 -29.46 11.42 -46.06
CA LYS A 142 -30.14 10.31 -45.35
C LYS A 142 -29.18 9.51 -44.40
N PRO A 143 -28.56 10.18 -43.40
CA PRO A 143 -27.64 9.45 -42.52
C PRO A 143 -28.34 8.87 -41.30
N VAL A 144 -28.31 7.53 -41.12
CA VAL A 144 -28.98 6.96 -39.95
C VAL A 144 -27.99 6.37 -38.97
N LEU A 145 -28.47 6.15 -37.76
CA LEU A 145 -27.74 5.59 -36.65
C LEU A 145 -28.50 4.47 -36.00
N PHE A 146 -27.92 3.26 -35.97
CA PHE A 146 -28.51 2.12 -35.31
C PHE A 146 -27.80 1.93 -33.98
N PHE A 147 -28.56 1.89 -32.86
CA PHE A 147 -28.00 1.71 -31.52
C PHE A 147 -28.33 0.32 -31.02
N GLU A 148 -27.30 -0.40 -30.51
CA GLU A 148 -27.53 -1.75 -29.97
C GLU A 148 -28.01 -1.50 -28.56
N ARG A 149 -29.37 -1.55 -28.38
CA ARG A 149 -30.13 -1.24 -27.16
C ARG A 149 -30.12 0.27 -26.85
N SER A 150 -31.21 0.74 -26.29
CA SER A 150 -31.31 2.13 -25.92
C SER A 150 -31.15 2.22 -24.41
N VAL A 151 -30.90 3.43 -23.90
CA VAL A 151 -30.81 3.75 -22.47
C VAL A 151 -32.15 3.40 -21.69
N TYR A 152 -33.26 3.11 -22.42
CA TYR A 152 -34.57 2.78 -21.82
C TYR A 152 -34.67 1.32 -21.44
N SER A 153 -34.16 0.42 -22.30
CA SER A 153 -34.15 -1.01 -22.02
C SER A 153 -33.26 -1.33 -20.81
N ASP A 154 -32.18 -0.53 -20.62
CA ASP A 154 -31.24 -0.64 -19.49
C ASP A 154 -32.04 -0.58 -18.19
N ARG A 155 -32.80 0.51 -18.04
CA ARG A 155 -33.60 0.76 -16.87
C ARG A 155 -34.89 -0.08 -16.82
N TYR A 156 -35.76 0.09 -17.83
CA TYR A 156 -37.08 -0.48 -17.89
C TYR A 156 -37.14 -1.98 -18.22
N ILE A 157 -36.03 -2.62 -18.60
CA ILE A 157 -36.06 -4.07 -18.79
C ILE A 157 -35.06 -4.77 -17.82
N PHE A 158 -33.76 -4.57 -18.03
CA PHE A 158 -32.72 -5.25 -17.25
C PHE A 158 -32.63 -4.81 -15.79
N ALA A 159 -32.57 -3.48 -15.51
CA ALA A 159 -32.50 -2.93 -14.16
C ALA A 159 -33.77 -3.22 -13.37
N SER A 160 -34.96 -2.86 -13.91
CA SER A 160 -36.23 -3.10 -13.24
C SER A 160 -36.47 -4.57 -12.87
N ASN A 161 -36.20 -5.51 -13.81
CA ASN A 161 -36.34 -6.96 -13.53
C ASN A 161 -35.47 -7.37 -12.36
N LEU A 162 -34.20 -6.92 -12.32
CA LEU A 162 -33.25 -7.23 -11.25
C LEU A 162 -33.77 -6.73 -9.90
N TYR A 163 -34.57 -5.65 -9.94
CA TYR A 163 -35.21 -5.12 -8.75
C TYR A 163 -36.46 -5.96 -8.44
N GLU A 164 -37.08 -6.55 -9.46
CA GLU A 164 -38.26 -7.39 -9.24
C GLU A 164 -37.88 -8.76 -8.70
N SER A 165 -36.69 -9.19 -9.07
CA SER A 165 -36.03 -10.45 -8.68
C SER A 165 -35.32 -10.30 -7.32
N GLU A 166 -35.43 -9.11 -6.71
CA GLU A 166 -34.89 -8.71 -5.41
C GLU A 166 -33.35 -8.61 -5.33
N CYS A 167 -32.61 -8.71 -6.46
CA CYS A 167 -31.13 -8.64 -6.49
C CYS A 167 -30.57 -7.28 -6.09
N MET A 168 -31.41 -6.28 -6.31
CA MET A 168 -31.13 -4.89 -6.03
C MET A 168 -32.17 -4.41 -5.05
N ASN A 169 -31.71 -3.86 -3.93
CA ASN A 169 -32.61 -3.38 -2.88
C ASN A 169 -33.26 -2.04 -3.14
N GLU A 170 -34.29 -1.76 -2.37
CA GLU A 170 -35.13 -0.56 -2.46
C GLU A 170 -34.34 0.71 -2.68
N THR A 171 -33.42 1.02 -1.77
CA THR A 171 -32.62 2.23 -1.82
C THR A 171 -31.59 2.15 -3.00
N GLU A 172 -31.22 0.92 -3.42
CA GLU A 172 -30.33 0.62 -4.54
C GLU A 172 -31.09 1.03 -5.80
N TRP A 173 -32.40 0.73 -5.82
CA TRP A 173 -33.31 1.06 -6.90
C TRP A 173 -33.63 2.56 -6.94
N THR A 174 -34.06 3.13 -5.80
CA THR A 174 -34.36 4.55 -5.62
C THR A 174 -33.25 5.39 -6.22
N ILE A 175 -31.96 5.07 -5.88
CA ILE A 175 -30.74 5.74 -6.36
C ILE A 175 -30.63 5.63 -7.87
N TYR A 176 -30.75 4.40 -8.37
CA TYR A 176 -30.64 4.15 -9.79
C TYR A 176 -31.55 5.06 -10.58
N GLN A 177 -32.81 5.09 -10.20
CA GLN A 177 -33.79 5.82 -10.95
C GLN A 177 -33.49 7.30 -10.99
N ASP A 178 -33.41 7.99 -9.87
CA ASP A 178 -33.07 9.36 -10.00
C ASP A 178 -31.82 9.45 -10.90
N TRP A 179 -30.73 8.80 -10.52
CA TRP A 179 -29.51 8.95 -11.32
C TRP A 179 -29.86 8.94 -12.80
N HIS A 180 -30.43 7.83 -13.29
CA HIS A 180 -30.85 7.62 -14.67
C HIS A 180 -31.79 8.70 -15.19
N ASP A 181 -32.63 9.24 -14.32
CA ASP A 181 -33.57 10.29 -14.70
C ASP A 181 -32.79 11.58 -14.93
N TRP A 182 -32.20 12.10 -13.88
CA TRP A 182 -31.54 13.38 -13.98
C TRP A 182 -30.42 13.34 -14.97
N MET A 183 -29.65 12.26 -14.95
CA MET A 183 -28.54 12.19 -15.87
C MET A 183 -29.05 12.20 -17.28
N ASN A 184 -30.06 11.42 -17.55
CA ASN A 184 -30.58 11.37 -18.89
C ASN A 184 -31.19 12.69 -19.29
N ASN A 185 -31.90 13.30 -18.36
CA ASN A 185 -32.55 14.57 -18.65
C ASN A 185 -31.55 15.65 -18.97
N GLN A 186 -30.41 15.67 -18.28
CA GLN A 186 -29.42 16.68 -18.58
C GLN A 186 -28.87 16.28 -19.93
N PHE A 187 -28.84 17.24 -20.86
CA PHE A 187 -28.36 17.03 -22.23
C PHE A 187 -29.11 15.92 -23.00
N GLY A 188 -30.41 15.84 -22.72
CA GLY A 188 -31.35 14.90 -23.27
C GLY A 188 -31.75 14.91 -24.71
N GLN A 189 -31.86 16.10 -25.29
CA GLN A 189 -32.36 16.21 -26.65
C GLN A 189 -31.56 15.45 -27.68
N SER A 190 -30.25 15.41 -27.53
CA SER A 190 -29.43 14.75 -28.49
C SER A 190 -29.76 13.27 -28.70
N LEU A 191 -30.08 12.56 -27.64
CA LEU A 191 -30.32 11.13 -27.75
C LEU A 191 -31.69 10.56 -28.07
N GLU A 192 -32.68 11.40 -28.32
CA GLU A 192 -34.00 10.87 -28.60
C GLU A 192 -34.00 9.99 -29.81
N LEU A 193 -34.64 8.84 -29.69
CA LEU A 193 -34.81 7.86 -30.77
C LEU A 193 -35.81 8.39 -31.79
N ASP A 194 -35.70 7.90 -33.01
CA ASP A 194 -36.55 8.25 -34.14
C ASP A 194 -37.43 7.05 -34.52
N GLY A 195 -37.05 5.87 -34.02
CA GLY A 195 -37.74 4.62 -34.24
C GLY A 195 -37.05 3.48 -33.53
N ILE A 196 -37.78 2.36 -33.30
CA ILE A 196 -37.24 1.17 -32.62
C ILE A 196 -37.54 -0.08 -33.45
N ILE A 197 -36.53 -0.97 -33.57
CA ILE A 197 -36.63 -2.28 -34.23
C ILE A 197 -36.46 -3.38 -33.16
N TYR A 198 -37.58 -4.10 -32.86
CA TYR A 198 -37.68 -5.18 -31.89
C TYR A 198 -37.47 -6.50 -32.62
N LEU A 199 -36.46 -7.24 -32.17
CA LEU A 199 -36.07 -8.54 -32.70
C LEU A 199 -36.62 -9.59 -31.75
N GLN A 200 -37.76 -10.14 -32.17
CA GLN A 200 -38.61 -11.07 -31.42
C GLN A 200 -38.19 -12.51 -31.56
N ALA A 201 -37.84 -13.13 -30.43
CA ALA A 201 -37.41 -14.51 -30.40
C ALA A 201 -37.91 -15.15 -29.14
N THR A 202 -38.31 -16.41 -29.26
CA THR A 202 -38.77 -17.15 -28.08
C THR A 202 -37.64 -17.25 -27.05
N PRO A 203 -37.96 -17.28 -25.73
CA PRO A 203 -36.90 -17.47 -24.72
C PRO A 203 -36.06 -18.74 -24.99
N GLU A 204 -36.69 -19.77 -25.61
CA GLU A 204 -36.04 -21.02 -25.98
C GLU A 204 -35.06 -20.85 -27.13
N THR A 205 -35.36 -19.89 -28.05
CA THR A 205 -34.49 -19.55 -29.18
C THR A 205 -33.33 -18.80 -28.58
N CYS A 206 -33.61 -17.89 -27.63
CA CYS A 206 -32.58 -17.14 -26.92
C CYS A 206 -31.63 -18.04 -26.14
N LEU A 207 -32.17 -19.08 -25.46
CA LEU A 207 -31.36 -20.05 -24.73
C LEU A 207 -30.43 -20.83 -25.69
N HIS A 208 -30.92 -21.08 -26.94
CA HIS A 208 -30.13 -21.79 -27.97
C HIS A 208 -29.03 -20.91 -28.54
N ARG A 209 -29.37 -19.62 -28.77
CA ARG A 209 -28.45 -18.62 -29.28
C ARG A 209 -27.44 -18.23 -28.23
N ILE A 210 -27.82 -18.28 -26.91
CA ILE A 210 -26.92 -17.99 -25.78
C ILE A 210 -25.81 -19.07 -25.76
N TYR A 211 -26.23 -20.34 -26.00
CA TYR A 211 -25.37 -21.51 -26.07
C TYR A 211 -24.53 -21.44 -27.35
N LEU A 212 -25.15 -21.04 -28.49
CA LEU A 212 -24.51 -20.90 -29.81
C LEU A 212 -23.35 -19.92 -29.79
N ARG A 213 -23.51 -18.83 -29.02
CA ARG A 213 -22.52 -17.78 -28.75
C ARG A 213 -21.31 -18.41 -28.03
N GLY A 214 -21.48 -18.73 -26.74
CA GLY A 214 -20.46 -19.37 -25.91
C GLY A 214 -19.94 -18.52 -24.76
N ARG A 215 -20.67 -17.45 -24.37
CA ARG A 215 -20.26 -16.56 -23.29
C ARG A 215 -20.30 -17.28 -21.91
N ASN A 216 -19.13 -17.85 -21.50
CA ASN A 216 -18.96 -18.64 -20.26
C ASN A 216 -19.84 -18.19 -19.13
N GLU A 217 -19.72 -16.90 -18.76
CA GLU A 217 -20.45 -16.23 -17.67
C GLU A 217 -21.98 -16.35 -17.76
N GLU A 218 -22.54 -16.32 -18.96
CA GLU A 218 -23.98 -16.38 -19.11
C GLU A 218 -24.48 -17.78 -19.45
N GLN A 219 -23.56 -18.77 -19.51
CA GLN A 219 -23.90 -20.17 -19.83
C GLN A 219 -24.72 -20.87 -18.72
N GLY A 220 -25.13 -20.10 -17.71
CA GLY A 220 -25.90 -20.57 -16.57
C GLY A 220 -27.25 -19.92 -16.45
N ILE A 221 -27.57 -19.04 -17.41
CA ILE A 221 -28.83 -18.31 -17.53
C ILE A 221 -30.01 -19.29 -17.64
N PRO A 222 -30.92 -19.28 -16.64
CA PRO A 222 -32.06 -20.22 -16.68
C PRO A 222 -33.13 -19.82 -17.71
N LEU A 223 -33.96 -20.77 -18.20
CA LEU A 223 -35.03 -20.39 -19.14
C LEU A 223 -35.92 -19.28 -18.59
N GLU A 224 -36.30 -19.42 -17.30
CA GLU A 224 -37.11 -18.54 -16.47
C GLU A 224 -36.64 -17.11 -16.56
N TYR A 225 -35.29 -16.87 -16.51
CA TYR A 225 -34.69 -15.53 -16.61
C TYR A 225 -35.03 -14.91 -17.93
N LEU A 226 -34.71 -15.64 -19.02
CA LEU A 226 -34.99 -15.24 -20.39
C LEU A 226 -36.47 -15.03 -20.59
N GLU A 227 -37.30 -15.93 -20.01
CA GLU A 227 -38.77 -15.94 -20.05
C GLU A 227 -39.33 -14.65 -19.45
N LYS A 228 -38.73 -14.21 -18.33
CA LYS A 228 -39.06 -12.99 -17.59
C LYS A 228 -38.77 -11.74 -18.43
N LEU A 229 -37.55 -11.67 -19.02
CA LEU A 229 -37.14 -10.55 -19.87
C LEU A 229 -37.96 -10.45 -21.16
N HIS A 230 -38.39 -11.59 -21.72
CA HIS A 230 -39.21 -11.65 -22.92
C HIS A 230 -40.52 -10.95 -22.65
N TYR A 231 -41.09 -11.18 -21.47
CA TYR A 231 -42.36 -10.56 -21.10
C TYR A 231 -42.26 -9.06 -21.02
N LYS A 232 -41.14 -8.53 -20.44
CA LYS A 232 -40.90 -7.08 -20.28
C LYS A 232 -40.70 -6.35 -21.65
N HIS A 233 -40.16 -7.05 -22.69
CA HIS A 233 -39.98 -6.49 -24.04
C HIS A 233 -41.34 -6.42 -24.69
N GLU A 234 -42.08 -7.54 -24.69
CA GLU A 234 -43.41 -7.64 -25.26
C GLU A 234 -44.30 -6.59 -24.62
N SER A 235 -44.26 -6.47 -23.29
CA SER A 235 -45.05 -5.45 -22.59
C SER A 235 -44.76 -4.05 -23.09
N TRP A 236 -43.48 -3.71 -23.22
CA TRP A 236 -43.07 -2.38 -23.69
C TRP A 236 -43.27 -2.17 -25.20
N LEU A 237 -42.43 -2.82 -26.04
CA LEU A 237 -42.35 -2.68 -27.51
C LEU A 237 -43.44 -3.32 -28.33
N LEU A 238 -44.32 -4.16 -27.76
CA LEU A 238 -45.36 -4.79 -28.59
C LEU A 238 -46.78 -4.49 -28.13
N HIS A 239 -47.11 -4.76 -26.86
CA HIS A 239 -48.46 -4.50 -26.36
C HIS A 239 -48.56 -3.03 -26.06
N ARG A 240 -47.38 -2.38 -25.92
CA ARG A 240 -47.14 -0.97 -25.63
C ARG A 240 -47.91 -0.58 -24.37
N THR A 241 -47.63 -1.30 -23.28
CA THR A 241 -48.29 -1.08 -22.00
C THR A 241 -47.32 -0.59 -20.92
N LEU A 242 -46.01 -0.54 -21.23
CA LEU A 242 -45.02 -0.08 -20.25
C LEU A 242 -44.90 1.41 -20.19
N LYS A 243 -45.44 2.00 -19.11
CA LYS A 243 -45.38 3.43 -18.91
C LYS A 243 -43.93 3.82 -18.48
N THR A 244 -43.26 4.71 -19.27
CA THR A 244 -41.89 5.21 -19.02
C THR A 244 -41.95 6.70 -18.78
N ASN A 245 -41.05 7.22 -17.90
CA ASN A 245 -40.95 8.66 -17.54
C ASN A 245 -40.80 9.57 -18.77
N PHE A 246 -40.04 9.11 -19.76
CA PHE A 246 -39.80 9.80 -21.02
C PHE A 246 -41.06 9.58 -21.89
N ASP A 247 -41.85 10.66 -22.08
CA ASP A 247 -43.13 10.67 -22.79
C ASP A 247 -43.04 10.59 -24.32
N TYR A 248 -41.96 11.10 -24.93
CA TYR A 248 -41.80 11.08 -26.38
C TYR A 248 -41.90 9.66 -26.97
N LEU A 249 -41.41 8.65 -26.22
CA LEU A 249 -41.37 7.25 -26.59
C LEU A 249 -42.68 6.70 -27.18
N GLN A 250 -43.84 6.97 -26.50
CA GLN A 250 -45.20 6.50 -26.90
C GLN A 250 -45.60 6.93 -28.33
N GLU A 251 -44.93 7.97 -28.85
CA GLU A 251 -45.12 8.53 -30.17
C GLU A 251 -44.00 8.10 -31.18
N VAL A 252 -43.07 7.20 -30.78
CA VAL A 252 -42.06 6.75 -31.75
C VAL A 252 -42.49 5.46 -32.42
N PRO A 253 -42.27 5.37 -33.75
CA PRO A 253 -42.71 4.17 -34.49
C PRO A 253 -41.79 2.97 -34.27
N ILE A 254 -42.38 1.77 -33.98
CA ILE A 254 -41.63 0.50 -33.79
C ILE A 254 -41.84 -0.43 -35.01
N LEU A 255 -40.83 -1.28 -35.33
CA LEU A 255 -40.91 -2.28 -36.40
C LEU A 255 -40.51 -3.61 -35.80
N THR A 256 -41.48 -4.48 -35.54
CA THR A 256 -41.19 -5.79 -34.93
C THR A 256 -40.83 -6.84 -36.01
N LEU A 257 -39.74 -7.61 -35.78
CA LEU A 257 -39.31 -8.66 -36.70
C LEU A 257 -39.16 -10.01 -35.96
N ASP A 258 -39.56 -11.12 -36.61
CA ASP A 258 -39.47 -12.44 -35.99
C ASP A 258 -38.19 -13.17 -36.36
N VAL A 259 -37.14 -12.99 -35.54
CA VAL A 259 -35.83 -13.61 -35.76
C VAL A 259 -35.75 -15.03 -35.17
N ASN A 260 -36.87 -15.77 -35.17
CA ASN A 260 -36.91 -17.15 -34.68
C ASN A 260 -36.31 -18.08 -35.72
N GLU A 261 -36.47 -17.74 -37.02
CA GLU A 261 -35.87 -18.47 -38.12
C GLU A 261 -34.46 -17.93 -38.32
N ASP A 262 -33.48 -18.79 -38.68
CA ASP A 262 -32.08 -18.38 -38.89
C ASP A 262 -31.90 -17.44 -40.10
N PHE A 263 -31.68 -16.13 -39.82
CA PHE A 263 -31.57 -15.04 -40.79
C PHE A 263 -30.14 -14.73 -41.29
N LYS A 264 -29.09 -15.33 -40.68
CA LYS A 264 -27.71 -15.11 -41.10
C LYS A 264 -27.62 -15.26 -42.64
N ASP A 265 -28.44 -16.17 -43.18
CA ASP A 265 -28.61 -16.49 -44.60
C ASP A 265 -29.88 -15.84 -45.25
N LYS A 266 -31.08 -16.05 -44.64
CA LYS A 266 -32.37 -15.55 -45.12
C LYS A 266 -32.72 -14.16 -44.58
N TYR A 267 -31.76 -13.21 -44.73
CA TYR A 267 -31.94 -11.81 -44.30
C TYR A 267 -32.60 -10.92 -45.36
N GLU A 268 -32.69 -11.40 -46.60
CA GLU A 268 -33.17 -10.53 -47.66
C GLU A 268 -34.55 -10.00 -47.39
N SER A 269 -35.45 -10.84 -46.93
CA SER A 269 -36.80 -10.38 -46.71
C SER A 269 -36.86 -9.29 -45.66
N LEU A 270 -36.18 -9.50 -44.56
CA LEU A 270 -36.25 -8.55 -43.47
C LEU A 270 -35.73 -7.18 -43.76
N VAL A 271 -34.61 -7.11 -44.46
CA VAL A 271 -34.00 -5.82 -44.70
C VAL A 271 -34.92 -4.93 -45.47
N GLU A 272 -35.55 -5.50 -46.46
CA GLU A 272 -36.41 -4.66 -47.28
C GLU A 272 -37.48 -3.99 -46.43
N LYS A 273 -37.94 -4.70 -45.38
CA LYS A 273 -38.94 -4.22 -44.41
C LYS A 273 -38.38 -2.99 -43.68
N VAL A 274 -37.11 -3.10 -43.23
CA VAL A 274 -36.34 -2.06 -42.51
C VAL A 274 -36.28 -0.81 -43.36
N LYS A 275 -35.86 -0.98 -44.64
CA LYS A 275 -35.72 0.08 -45.64
C LYS A 275 -37.03 0.85 -45.74
N GLU A 276 -38.15 0.12 -45.89
CA GLU A 276 -39.46 0.74 -45.98
C GLU A 276 -39.93 1.29 -44.65
N PHE A 277 -39.45 0.74 -43.52
CA PHE A 277 -39.82 1.28 -42.22
C PHE A 277 -39.10 2.59 -42.03
N LEU A 278 -37.91 2.71 -42.60
CA LEU A 278 -37.12 3.92 -42.50
C LEU A 278 -37.68 5.05 -43.39
N SER A 279 -38.23 4.70 -44.55
CA SER A 279 -38.82 5.66 -45.51
C SER A 279 -40.04 6.36 -44.91
N THR A 280 -40.54 5.78 -43.82
CA THR A 280 -41.74 6.22 -43.12
C THR A 280 -41.40 6.83 -41.74
N LEU A 281 -40.23 7.53 -41.69
CA LEU A 281 -39.70 8.21 -40.50
C LEU A 281 -39.23 9.63 -40.93
N ARG B 41 -21.12 33.46 -13.42
CA ARG B 41 -20.10 34.49 -13.40
C ARG B 41 -19.87 34.98 -11.99
N ILE B 42 -20.01 34.08 -11.04
CA ILE B 42 -19.81 34.43 -9.64
C ILE B 42 -18.53 33.83 -9.12
N LYS B 43 -18.11 34.23 -7.93
CA LYS B 43 -16.85 33.68 -7.42
C LYS B 43 -17.18 32.40 -6.60
N LYS B 44 -17.08 31.18 -7.23
CA LYS B 44 -17.37 29.88 -6.61
C LYS B 44 -16.17 29.50 -5.71
N ILE B 45 -16.38 29.40 -4.37
CA ILE B 45 -15.32 29.07 -3.40
C ILE B 45 -15.71 27.86 -2.52
N SER B 46 -14.77 26.89 -2.33
CA SER B 46 -15.00 25.68 -1.52
C SER B 46 -14.50 25.82 -0.10
N ILE B 47 -15.36 25.53 0.89
CA ILE B 47 -14.95 25.49 2.28
C ILE B 47 -14.67 24.01 2.54
N GLU B 48 -13.37 23.70 2.70
CA GLU B 48 -12.82 22.37 2.84
C GLU B 48 -12.17 22.09 4.19
N GLY B 49 -12.16 20.83 4.59
CA GLY B 49 -11.59 20.41 5.86
C GLY B 49 -11.96 18.99 6.18
N ASN B 50 -11.88 18.62 7.49
CA ASN B 50 -12.11 17.27 8.03
C ASN B 50 -13.48 17.09 8.65
N ILE B 51 -13.76 15.85 9.12
CA ILE B 51 -15.00 15.44 9.79
C ILE B 51 -15.14 16.21 11.10
N ALA B 52 -16.16 17.08 11.15
CA ALA B 52 -16.50 17.97 12.24
C ALA B 52 -15.37 18.88 12.66
N ALA B 53 -14.66 19.46 11.69
CA ALA B 53 -13.62 20.43 12.02
C ALA B 53 -14.35 21.74 12.36
N GLY B 54 -15.46 21.97 11.67
CA GLY B 54 -16.30 23.15 11.86
C GLY B 54 -16.69 23.81 10.55
N LYS B 55 -16.78 23.03 9.44
CA LYS B 55 -17.14 23.55 8.12
C LYS B 55 -18.54 24.16 8.08
N SER B 56 -19.55 23.36 8.36
CA SER B 56 -20.94 23.77 8.41
C SER B 56 -21.18 24.91 9.39
N THR B 57 -20.36 25.00 10.46
CA THR B 57 -20.43 26.02 11.51
C THR B 57 -20.09 27.42 10.97
N PHE B 58 -18.94 27.52 10.28
CA PHE B 58 -18.39 28.72 9.66
C PHE B 58 -19.17 29.08 8.39
N VAL B 59 -19.75 28.05 7.75
CA VAL B 59 -20.58 28.21 6.56
C VAL B 59 -21.83 29.01 6.96
N ASN B 60 -22.37 28.77 8.18
CA ASN B 60 -23.53 29.47 8.73
C ASN B 60 -23.21 30.86 9.29
N ILE B 61 -21.93 31.10 9.66
CA ILE B 61 -21.39 32.38 10.14
C ILE B 61 -21.37 33.35 8.93
N LEU B 62 -20.99 32.76 7.77
CA LEU B 62 -20.87 33.37 6.45
C LEU B 62 -22.24 33.55 5.78
N LYS B 63 -23.23 32.66 6.05
CA LYS B 63 -24.58 32.79 5.50
C LYS B 63 -25.25 34.08 6.03
N GLN B 64 -24.80 34.52 7.24
CA GLN B 64 -25.23 35.70 8.01
C GLN B 64 -24.51 37.01 7.65
N LEU B 65 -25.33 38.10 7.56
CA LEU B 65 -25.01 39.50 7.19
C LEU B 65 -23.94 39.57 6.07
N SER B 66 -24.35 38.99 4.94
CA SER B 66 -23.64 38.85 3.69
C SER B 66 -24.75 38.51 2.67
N GLU B 67 -25.25 39.56 2.02
CA GLU B 67 -26.34 39.49 1.04
C GLU B 67 -25.80 39.02 -0.29
N ASP B 68 -24.48 39.23 -0.48
CA ASP B 68 -23.76 38.81 -1.67
C ASP B 68 -23.09 37.44 -1.47
N TRP B 69 -23.33 36.80 -0.29
CA TRP B 69 -22.86 35.45 0.02
C TRP B 69 -23.99 34.51 0.41
N GLU B 70 -24.04 33.33 -0.27
CA GLU B 70 -25.00 32.24 -0.05
C GLU B 70 -24.20 30.93 -0.07
N VAL B 71 -24.54 30.00 0.81
CA VAL B 71 -23.78 28.76 0.93
C VAL B 71 -24.56 27.54 0.40
N VAL B 72 -23.82 26.49 -0.04
CA VAL B 72 -24.33 25.23 -0.57
C VAL B 72 -23.85 24.09 0.35
N PRO B 73 -24.69 23.67 1.34
CA PRO B 73 -24.26 22.59 2.24
C PRO B 73 -24.25 21.23 1.55
N GLU B 74 -23.23 20.39 1.85
CA GLU B 74 -23.15 19.04 1.30
C GLU B 74 -24.44 18.33 1.72
N PRO B 75 -25.06 17.51 0.84
CA PRO B 75 -26.36 16.94 1.18
C PRO B 75 -26.35 15.82 2.22
N VAL B 76 -25.57 16.00 3.31
CA VAL B 76 -25.42 15.06 4.44
C VAL B 76 -26.80 14.82 5.11
N ALA B 77 -27.76 15.69 4.79
CA ALA B 77 -29.12 15.56 5.23
C ALA B 77 -29.85 14.57 4.30
N ARG B 78 -29.64 14.72 2.96
CA ARG B 78 -30.23 13.90 1.89
C ARG B 78 -29.52 12.53 1.68
N TRP B 79 -28.34 12.34 2.32
CA TRP B 79 -27.62 11.06 2.31
C TRP B 79 -28.19 10.15 3.43
N SER B 80 -28.94 10.76 4.39
CA SER B 80 -29.58 10.10 5.55
C SER B 80 -30.94 9.46 5.22
N ASN B 81 -31.65 10.01 4.22
CA ASN B 81 -32.95 9.52 3.71
C ASN B 81 -32.88 9.46 2.19
N VAL B 82 -32.82 8.25 1.67
CA VAL B 82 -32.69 8.10 0.23
C VAL B 82 -34.04 7.78 -0.38
N GLN B 83 -34.64 8.85 -0.91
CA GLN B 83 -35.95 8.78 -1.52
C GLN B 83 -36.00 9.49 -2.85
N SER B 84 -37.21 9.75 -3.33
CA SER B 84 -37.40 10.35 -4.63
C SER B 84 -36.75 11.71 -4.75
N THR B 85 -36.20 11.98 -5.91
CA THR B 85 -35.55 13.25 -6.17
C THR B 85 -36.52 14.37 -5.91
N GLY B 99 -37.42 6.80 4.63
CA GLY B 99 -36.17 6.89 3.85
C GLY B 99 -35.20 5.71 3.98
N GLY B 100 -33.96 5.92 3.58
CA GLY B 100 -32.89 4.93 3.69
C GLY B 100 -31.57 5.59 4.06
N ASN B 101 -30.77 5.00 5.00
CA ASN B 101 -29.50 5.66 5.32
C ASN B 101 -28.30 4.98 4.68
N VAL B 102 -27.92 5.51 3.52
CA VAL B 102 -26.79 5.04 2.73
C VAL B 102 -25.45 5.52 3.37
N LEU B 103 -25.46 6.54 4.28
CA LEU B 103 -24.23 6.97 4.99
C LEU B 103 -23.92 5.94 6.10
N GLN B 104 -24.94 5.61 6.93
CA GLN B 104 -24.90 4.61 8.01
C GLN B 104 -24.58 3.22 7.39
N MET B 105 -25.21 2.89 6.21
CA MET B 105 -24.97 1.67 5.44
C MET B 105 -23.49 1.64 5.08
N MET B 106 -22.95 2.78 4.62
CA MET B 106 -21.55 2.93 4.25
C MET B 106 -20.66 2.73 5.47
N TYR B 107 -20.87 3.51 6.54
CA TYR B 107 -20.11 3.41 7.81
C TYR B 107 -20.17 1.99 8.43
N GLU B 108 -21.33 1.28 8.26
CA GLU B 108 -21.61 -0.09 8.73
C GLU B 108 -20.85 -1.16 7.95
N LYS B 109 -21.18 -1.40 6.67
CA LYS B 109 -20.47 -2.37 5.83
C LYS B 109 -19.78 -1.60 4.68
N PRO B 110 -18.62 -0.90 4.94
CA PRO B 110 -17.96 -0.13 3.87
C PRO B 110 -17.47 -0.96 2.71
N GLU B 111 -16.98 -2.17 3.00
CA GLU B 111 -16.54 -3.15 2.03
C GLU B 111 -17.75 -3.65 1.16
N ARG B 112 -18.93 -2.98 1.32
CA ARG B 112 -20.15 -3.23 0.57
C ARG B 112 -20.76 -1.94 -0.02
N TRP B 113 -21.16 -0.99 0.84
CA TRP B 113 -21.88 0.17 0.37
C TRP B 113 -21.06 1.40 -0.02
N SER B 114 -19.78 1.50 0.45
CA SER B 114 -18.90 2.65 0.14
C SER B 114 -19.02 3.16 -1.32
N PHE B 115 -19.08 2.23 -2.31
CA PHE B 115 -19.23 2.58 -3.72
C PHE B 115 -20.60 3.16 -4.01
N THR B 116 -21.68 2.43 -3.69
CA THR B 116 -23.07 2.89 -3.90
C THR B 116 -23.22 4.27 -3.31
N PHE B 117 -22.65 4.46 -2.10
CA PHE B 117 -22.64 5.68 -1.33
C PHE B 117 -21.89 6.81 -2.00
N GLN B 118 -20.57 6.69 -2.20
CA GLN B 118 -19.75 7.72 -2.85
C GLN B 118 -20.35 8.24 -4.14
N THR B 119 -21.00 7.33 -4.92
CA THR B 119 -21.69 7.65 -6.16
C THR B 119 -22.86 8.55 -5.85
N TYR B 120 -23.79 8.13 -4.96
CA TYR B 120 -24.95 8.95 -4.57
C TYR B 120 -24.53 10.27 -3.91
N ALA B 121 -23.55 10.22 -3.01
CA ALA B 121 -23.00 11.37 -2.31
C ALA B 121 -22.58 12.42 -3.34
N CYS B 122 -21.58 12.08 -4.18
CA CYS B 122 -21.06 12.96 -5.22
C CYS B 122 -22.12 13.52 -6.18
N LEU B 123 -23.07 12.66 -6.63
CA LEU B 123 -24.15 13.07 -7.53
C LEU B 123 -24.99 14.16 -6.88
N SER B 124 -25.36 13.96 -5.59
CA SER B 124 -26.15 14.88 -4.77
C SER B 124 -25.50 16.25 -4.65
N ARG B 125 -24.17 16.26 -4.64
CA ARG B 125 -23.36 17.46 -4.56
C ARG B 125 -23.57 18.21 -5.85
N ILE B 126 -23.01 17.64 -6.95
CA ILE B 126 -23.03 18.19 -8.30
C ILE B 126 -24.49 18.58 -8.72
N ARG B 127 -25.50 17.87 -8.19
CA ARG B 127 -26.89 18.21 -8.46
C ARG B 127 -27.22 19.53 -7.78
N ALA B 128 -26.99 19.62 -6.45
CA ALA B 128 -27.28 20.80 -5.60
C ALA B 128 -26.47 22.03 -5.97
N GLN B 129 -25.15 21.83 -6.16
CA GLN B 129 -24.18 22.87 -6.55
C GLN B 129 -24.69 23.54 -7.82
N LEU B 130 -24.83 22.75 -8.91
CA LEU B 130 -25.35 23.20 -10.19
C LEU B 130 -26.65 23.97 -10.09
N ALA B 131 -27.64 23.37 -9.44
CA ALA B 131 -28.95 23.96 -9.31
C ALA B 131 -28.96 25.32 -8.60
N SER B 132 -28.02 25.52 -7.64
CA SER B 132 -27.95 26.74 -6.83
C SER B 132 -27.71 28.00 -7.61
N LEU B 133 -26.73 27.96 -8.53
CA LEU B 133 -26.37 29.10 -9.36
C LEU B 133 -27.45 29.46 -10.36
N ASN B 134 -28.09 28.51 -11.00
CA ASN B 134 -29.05 28.87 -12.02
C ASN B 134 -30.07 29.79 -11.40
N GLY B 135 -30.43 29.52 -10.16
CA GLY B 135 -31.39 30.36 -9.48
C GLY B 135 -30.64 31.36 -8.63
N LYS B 136 -31.02 31.45 -7.36
CA LYS B 136 -30.34 32.30 -6.42
C LYS B 136 -30.28 33.74 -6.87
N LEU B 137 -29.13 34.38 -6.68
CA LEU B 137 -29.00 35.79 -7.02
C LEU B 137 -27.81 36.20 -7.85
N LYS B 138 -27.90 35.93 -9.14
CA LYS B 138 -26.88 36.33 -10.10
C LYS B 138 -26.80 37.84 -10.23
N ASP B 139 -27.96 38.50 -10.12
CA ASP B 139 -28.11 39.93 -10.28
C ASP B 139 -27.26 40.77 -9.34
N ALA B 140 -27.02 40.31 -8.12
CA ALA B 140 -26.23 41.10 -7.19
C ALA B 140 -24.84 41.41 -7.75
N GLU B 141 -24.38 42.63 -7.51
CA GLU B 141 -23.12 43.12 -8.06
C GLU B 141 -21.82 42.41 -7.67
N LYS B 142 -21.66 42.05 -6.42
CA LYS B 142 -20.41 41.41 -6.01
C LYS B 142 -20.73 40.15 -5.25
N PRO B 143 -21.11 39.12 -5.99
CA PRO B 143 -21.46 37.83 -5.43
C PRO B 143 -20.30 36.89 -5.16
N VAL B 144 -20.56 35.97 -4.24
CA VAL B 144 -19.70 34.87 -3.77
C VAL B 144 -20.60 33.71 -3.29
N LEU B 145 -20.36 32.53 -3.85
CA LEU B 145 -21.10 31.33 -3.52
C LEU B 145 -20.14 30.33 -2.88
N PHE B 146 -20.40 29.95 -1.61
CA PHE B 146 -19.53 29.02 -0.87
C PHE B 146 -20.06 27.61 -0.85
N PHE B 147 -19.19 26.62 -1.15
CA PHE B 147 -19.58 25.20 -1.18
C PHE B 147 -19.04 24.43 0.00
N GLU B 148 -19.96 23.81 0.80
CA GLU B 148 -19.53 22.94 1.89
C GLU B 148 -19.09 21.71 1.11
N ARG B 149 -17.72 21.49 1.13
CA ARG B 149 -16.89 20.46 0.45
C ARG B 149 -16.80 20.63 -1.09
N SER B 150 -15.86 19.90 -1.70
CA SER B 150 -15.57 19.88 -3.15
C SER B 150 -16.15 18.60 -3.78
N VAL B 151 -16.14 18.55 -5.12
CA VAL B 151 -16.51 17.37 -5.92
C VAL B 151 -15.22 16.56 -6.00
N TYR B 152 -14.10 17.27 -5.80
CA TYR B 152 -12.73 16.77 -5.82
C TYR B 152 -12.40 16.09 -4.53
N SER B 153 -12.83 16.66 -3.38
CA SER B 153 -12.58 16.09 -2.05
C SER B 153 -13.24 14.72 -1.87
N ASP B 154 -14.33 14.49 -2.63
CA ASP B 154 -15.10 13.26 -2.65
C ASP B 154 -14.19 12.21 -3.27
N ARG B 155 -13.79 12.42 -4.53
CA ARG B 155 -12.94 11.52 -5.30
C ARG B 155 -11.54 11.33 -4.71
N TYR B 156 -10.84 12.44 -4.50
CA TYR B 156 -9.44 12.47 -4.10
C TYR B 156 -9.14 12.38 -2.60
N ILE B 157 -10.12 12.57 -1.70
CA ILE B 157 -9.73 12.45 -0.29
C ILE B 157 -10.54 11.33 0.32
N PHE B 158 -11.87 11.29 0.12
CA PHE B 158 -12.74 10.30 0.76
C PHE B 158 -12.90 8.93 0.05
N ALA B 159 -13.28 8.93 -1.25
CA ALA B 159 -13.47 7.74 -2.06
C ALA B 159 -12.14 7.05 -2.25
N SER B 160 -11.03 7.82 -2.36
CA SER B 160 -9.69 7.27 -2.53
C SER B 160 -9.31 6.57 -1.24
N ASN B 161 -9.51 7.25 -0.11
CA ASN B 161 -9.24 6.78 1.24
C ASN B 161 -9.82 5.38 1.45
N LEU B 162 -11.13 5.20 1.17
CA LEU B 162 -11.89 3.95 1.27
C LEU B 162 -11.30 2.85 0.38
N TYR B 163 -10.93 3.19 -0.87
CA TYR B 163 -10.35 2.24 -1.83
C TYR B 163 -9.09 1.66 -1.20
N GLU B 164 -8.20 2.56 -0.73
CA GLU B 164 -6.95 2.20 -0.08
C GLU B 164 -7.24 1.41 1.21
N SER B 165 -8.27 1.85 2.00
CA SER B 165 -8.66 1.15 3.22
C SER B 165 -9.38 -0.17 2.91
N GLU B 166 -9.28 -0.66 1.65
CA GLU B 166 -9.83 -1.89 1.08
C GLU B 166 -11.35 -2.08 1.23
N CYS B 167 -12.09 -0.98 1.08
CA CYS B 167 -13.54 -0.99 1.14
C CYS B 167 -14.04 -1.00 -0.28
N MET B 168 -13.17 -0.52 -1.19
CA MET B 168 -13.51 -0.48 -2.59
C MET B 168 -12.66 -1.40 -3.42
N ASN B 169 -13.31 -2.48 -3.94
CA ASN B 169 -12.78 -3.47 -4.85
C ASN B 169 -12.09 -2.69 -6.00
N GLU B 170 -10.94 -3.18 -6.48
CA GLU B 170 -10.21 -2.50 -7.57
C GLU B 170 -11.15 -2.10 -8.72
N THR B 171 -12.02 -3.04 -9.16
CA THR B 171 -12.98 -2.81 -10.24
C THR B 171 -14.04 -1.80 -9.81
N GLU B 172 -14.35 -1.69 -8.49
CA GLU B 172 -15.28 -0.69 -7.97
C GLU B 172 -14.60 0.67 -8.15
N TRP B 173 -13.28 0.73 -7.88
CA TRP B 173 -12.47 1.94 -8.00
C TRP B 173 -12.34 2.43 -9.46
N THR B 174 -12.15 1.52 -10.43
CA THR B 174 -12.07 1.90 -11.84
C THR B 174 -13.39 2.52 -12.26
N ILE B 175 -14.53 1.87 -11.91
CA ILE B 175 -15.89 2.34 -12.23
C ILE B 175 -16.13 3.74 -11.66
N TYR B 176 -15.89 3.91 -10.33
CA TYR B 176 -16.07 5.19 -9.66
C TYR B 176 -15.34 6.25 -10.40
N GLN B 177 -14.08 5.99 -10.77
CA GLN B 177 -13.25 6.95 -11.47
C GLN B 177 -13.78 7.26 -12.86
N ASP B 178 -14.17 6.22 -13.64
CA ASP B 178 -14.76 6.32 -14.99
C ASP B 178 -15.97 7.28 -14.91
N TRP B 179 -16.83 7.04 -13.90
CA TRP B 179 -18.01 7.82 -13.58
C TRP B 179 -17.63 9.27 -13.28
N HIS B 180 -16.79 9.51 -12.24
CA HIS B 180 -16.36 10.83 -11.77
C HIS B 180 -15.66 11.67 -12.79
N ASP B 181 -14.70 11.08 -13.51
CA ASP B 181 -13.96 11.79 -14.55
C ASP B 181 -14.90 12.24 -15.66
N TRP B 182 -16.11 11.62 -15.73
CA TRP B 182 -17.12 11.96 -16.72
C TRP B 182 -18.18 12.93 -16.19
N MET B 183 -18.75 12.70 -14.99
CA MET B 183 -19.77 13.60 -14.41
C MET B 183 -19.29 15.04 -14.41
N ASN B 184 -18.00 15.23 -14.14
CA ASN B 184 -17.38 16.54 -14.13
C ASN B 184 -16.74 16.87 -15.49
N ASN B 185 -17.56 16.90 -16.55
CA ASN B 185 -17.09 17.28 -17.87
C ASN B 185 -18.01 18.31 -18.46
N GLN B 186 -19.31 17.97 -18.53
CA GLN B 186 -20.40 18.80 -19.05
C GLN B 186 -21.25 19.40 -17.93
N PHE B 187 -21.44 18.64 -16.83
CA PHE B 187 -22.21 19.05 -15.65
C PHE B 187 -21.32 19.89 -14.71
N GLY B 188 -20.08 19.46 -14.49
CA GLY B 188 -19.10 20.22 -13.71
C GLY B 188 -18.21 21.10 -14.56
N GLN B 189 -18.78 21.61 -15.69
CA GLN B 189 -18.13 22.46 -16.69
C GLN B 189 -18.04 23.90 -16.20
N SER B 190 -19.21 24.46 -15.82
CA SER B 190 -19.42 25.80 -15.29
C SER B 190 -18.95 25.84 -13.83
N LEU B 191 -19.39 24.82 -13.08
CA LEU B 191 -19.19 24.47 -11.68
C LEU B 191 -17.73 24.50 -11.16
N GLU B 192 -16.80 24.95 -11.98
CA GLU B 192 -15.40 25.03 -11.62
C GLU B 192 -15.11 26.04 -10.53
N LEU B 193 -14.15 25.71 -9.67
CA LEU B 193 -13.68 26.54 -8.53
C LEU B 193 -12.82 27.77 -8.86
N ASP B 194 -13.01 28.80 -8.03
CA ASP B 194 -12.28 30.07 -8.07
C ASP B 194 -11.42 30.24 -6.81
N GLY B 195 -11.53 29.28 -5.88
CA GLY B 195 -10.75 29.25 -4.66
C GLY B 195 -11.22 28.24 -3.62
N ILE B 196 -10.27 27.76 -2.77
CA ILE B 196 -10.53 26.79 -1.68
C ILE B 196 -10.06 27.34 -0.32
N ILE B 197 -10.89 27.18 0.73
CA ILE B 197 -10.64 27.59 2.12
C ILE B 197 -10.43 26.33 2.97
N TYR B 198 -9.15 26.06 3.33
CA TYR B 198 -8.76 24.91 4.12
C TYR B 198 -8.88 25.17 5.63
N LEU B 199 -10.01 24.73 6.24
CA LEU B 199 -10.29 24.84 7.68
C LEU B 199 -9.47 23.74 8.39
N GLN B 200 -8.29 24.17 8.77
CA GLN B 200 -7.37 23.29 9.42
C GLN B 200 -7.66 23.11 10.86
N ALA B 201 -7.75 21.86 11.22
CA ALA B 201 -7.94 21.42 12.60
C ALA B 201 -7.31 20.04 12.74
N THR B 202 -6.46 19.89 13.78
CA THR B 202 -5.77 18.64 14.11
C THR B 202 -6.78 17.52 14.24
N PRO B 203 -6.47 16.25 13.91
CA PRO B 203 -7.45 15.18 14.10
C PRO B 203 -7.92 15.06 15.56
N GLU B 204 -7.05 15.48 16.50
CA GLU B 204 -7.28 15.51 17.93
C GLU B 204 -8.58 16.23 18.31
N THR B 205 -8.71 17.52 17.89
CA THR B 205 -9.90 18.32 18.16
C THR B 205 -11.04 17.74 17.39
N CYS B 206 -10.81 17.40 16.10
CA CYS B 206 -11.83 16.82 15.23
C CYS B 206 -12.64 15.74 15.91
N LEU B 207 -11.95 14.80 16.58
CA LEU B 207 -12.55 13.69 17.32
C LEU B 207 -13.45 14.16 18.48
N HIS B 208 -13.02 15.17 19.23
CA HIS B 208 -13.84 15.70 20.32
C HIS B 208 -15.07 16.35 19.71
N ARG B 209 -14.87 17.16 18.66
CA ARG B 209 -15.95 17.83 17.95
C ARG B 209 -16.85 16.85 17.17
N ILE B 210 -16.45 15.55 16.98
CA ILE B 210 -17.34 14.56 16.32
C ILE B 210 -18.37 14.05 17.36
N TYR B 211 -17.91 13.95 18.60
CA TYR B 211 -18.74 13.64 19.76
C TYR B 211 -19.63 14.82 20.19
N LEU B 212 -19.00 15.98 20.26
CA LEU B 212 -19.65 17.24 20.63
C LEU B 212 -20.91 17.44 19.78
N ARG B 213 -20.84 17.00 18.50
CA ARG B 213 -21.95 16.97 17.58
C ARG B 213 -22.87 15.87 18.11
N GLY B 214 -22.40 14.62 18.10
CA GLY B 214 -23.17 13.48 18.57
C GLY B 214 -23.86 12.69 17.46
N ARG B 215 -23.49 12.96 16.19
CA ARG B 215 -24.03 12.23 15.04
C ARG B 215 -23.66 10.78 15.27
N ASN B 216 -24.69 9.96 15.52
CA ASN B 216 -24.57 8.56 15.93
C ASN B 216 -23.89 7.63 14.91
N GLU B 217 -24.11 7.81 13.57
CA GLU B 217 -23.47 6.99 12.50
C GLU B 217 -21.92 7.11 12.56
N GLU B 218 -21.52 8.27 13.04
CA GLU B 218 -20.15 8.69 13.16
C GLU B 218 -19.91 9.03 14.59
N GLN B 219 -19.77 7.98 15.37
CA GLN B 219 -19.45 8.07 16.78
C GLN B 219 -18.49 6.93 17.04
N GLY B 220 -18.54 5.97 16.11
CA GLY B 220 -17.66 4.80 16.06
C GLY B 220 -16.49 5.05 15.11
N ILE B 221 -16.00 6.27 15.14
CA ILE B 221 -14.92 6.67 14.28
C ILE B 221 -13.67 6.70 15.13
N PRO B 222 -12.61 6.06 14.65
CA PRO B 222 -11.35 6.02 15.43
C PRO B 222 -10.45 7.21 15.14
N LEU B 223 -9.56 7.60 16.09
CA LEU B 223 -8.67 8.74 15.83
C LEU B 223 -7.84 8.41 14.60
N GLU B 224 -7.29 7.19 14.58
CA GLU B 224 -6.50 6.65 13.47
C GLU B 224 -7.17 6.92 12.11
N TYR B 225 -8.53 6.91 12.02
CA TYR B 225 -9.23 7.18 10.76
C TYR B 225 -9.06 8.65 10.40
N LEU B 226 -9.43 9.53 11.33
CA LEU B 226 -9.32 10.98 11.21
C LEU B 226 -7.90 11.38 10.86
N GLU B 227 -6.94 10.71 11.49
CA GLU B 227 -5.52 10.87 11.34
C GLU B 227 -5.15 10.61 9.88
N LYS B 228 -5.63 9.47 9.32
CA LYS B 228 -5.38 9.07 7.92
C LYS B 228 -6.09 9.99 6.94
N LEU B 229 -7.12 10.72 7.42
CA LEU B 229 -7.79 11.66 6.54
C LEU B 229 -6.99 12.90 6.54
N HIS B 230 -6.68 13.41 7.73
CA HIS B 230 -5.88 14.61 7.92
C HIS B 230 -4.66 14.64 7.03
N TYR B 231 -3.98 13.50 6.89
CA TYR B 231 -2.81 13.38 6.04
C TYR B 231 -3.14 13.56 4.55
N LYS B 232 -4.32 13.07 4.08
CA LYS B 232 -4.72 13.23 2.69
C LYS B 232 -4.99 14.73 2.42
N HIS B 233 -5.41 15.45 3.47
CA HIS B 233 -5.71 16.88 3.44
C HIS B 233 -4.49 17.75 3.28
N GLU B 234 -3.51 17.58 4.20
CA GLU B 234 -2.24 18.31 4.21
C GLU B 234 -1.53 18.05 2.85
N SER B 235 -1.54 16.77 2.39
CA SER B 235 -0.97 16.33 1.12
C SER B 235 -1.62 17.07 -0.06
N TRP B 236 -2.90 17.41 0.08
CA TRP B 236 -3.57 18.08 -1.01
C TRP B 236 -3.43 19.59 -0.99
N LEU B 237 -3.81 20.21 0.14
CA LEU B 237 -3.91 21.65 0.29
C LEU B 237 -2.72 22.38 0.97
N LEU B 238 -1.78 21.65 1.55
CA LEU B 238 -0.65 22.38 2.11
C LEU B 238 0.54 22.13 1.24
N HIS B 239 1.09 20.91 1.31
CA HIS B 239 2.26 20.47 0.56
C HIS B 239 2.00 20.37 -0.95
N ARG B 240 0.72 20.15 -1.32
CA ARG B 240 0.24 20.05 -2.69
C ARG B 240 0.91 18.93 -3.46
N THR B 241 1.29 17.83 -2.80
CA THR B 241 1.91 16.69 -3.49
C THR B 241 0.86 15.84 -4.23
N LEU B 242 -0.45 15.97 -3.84
CA LEU B 242 -1.59 15.26 -4.43
C LEU B 242 -1.80 15.67 -5.88
N LYS B 243 -1.79 14.67 -6.77
CA LYS B 243 -1.94 14.83 -8.21
C LYS B 243 -3.35 14.45 -8.65
N THR B 244 -4.09 15.40 -9.28
CA THR B 244 -5.48 15.23 -9.76
C THR B 244 -5.57 15.20 -11.30
N ASN B 245 -6.73 14.73 -11.84
CA ASN B 245 -7.00 14.68 -13.28
C ASN B 245 -7.39 16.09 -13.78
N PHE B 246 -8.03 16.87 -12.89
CA PHE B 246 -8.47 18.25 -13.13
C PHE B 246 -7.27 19.17 -12.87
N ASP B 247 -6.61 19.56 -13.97
CA ASP B 247 -5.37 20.34 -13.97
C ASP B 247 -5.46 21.80 -13.51
N TYR B 248 -6.60 22.49 -13.68
CA TYR B 248 -6.71 23.89 -13.23
C TYR B 248 -6.52 24.02 -11.70
N LEU B 249 -7.05 23.02 -10.95
CA LEU B 249 -7.05 22.84 -9.50
C LEU B 249 -5.68 23.02 -8.84
N GLN B 250 -4.63 22.74 -9.60
CA GLN B 250 -3.26 22.85 -9.15
C GLN B 250 -2.90 24.31 -8.89
N GLU B 251 -3.36 25.22 -9.76
CA GLU B 251 -3.05 26.63 -9.66
C GLU B 251 -3.93 27.39 -8.64
N VAL B 252 -5.18 27.02 -8.48
CA VAL B 252 -6.13 27.82 -7.69
C VAL B 252 -5.75 28.15 -6.26
N PRO B 253 -6.22 29.29 -5.76
CA PRO B 253 -5.74 29.74 -4.42
C PRO B 253 -6.23 28.93 -3.22
N ILE B 254 -5.56 29.08 -2.04
CA ILE B 254 -5.83 28.32 -0.81
C ILE B 254 -5.71 29.15 0.49
N LEU B 255 -6.84 29.48 1.11
CA LEU B 255 -6.77 30.23 2.36
C LEU B 255 -6.81 29.25 3.52
N THR B 256 -5.67 29.07 4.20
CA THR B 256 -5.63 28.15 5.34
C THR B 256 -5.96 28.91 6.63
N LEU B 257 -6.94 28.38 7.36
CA LEU B 257 -7.44 28.94 8.60
C LEU B 257 -7.33 27.89 9.69
N ASP B 258 -6.69 28.23 10.82
CA ASP B 258 -6.57 27.32 11.97
C ASP B 258 -7.83 27.39 12.84
N VAL B 259 -8.72 26.44 12.65
CA VAL B 259 -9.98 26.40 13.39
C VAL B 259 -9.90 25.49 14.63
N ASN B 260 -8.64 25.18 15.09
CA ASN B 260 -8.35 24.37 16.27
C ASN B 260 -8.87 25.09 17.47
N GLU B 261 -8.58 26.41 17.52
CA GLU B 261 -9.06 27.33 18.54
C GLU B 261 -10.57 27.58 18.24
N ASP B 262 -11.48 27.33 19.24
CA ASP B 262 -12.94 27.49 19.15
C ASP B 262 -13.34 28.87 18.61
N PHE B 263 -13.83 28.90 17.35
CA PHE B 263 -14.20 30.11 16.64
C PHE B 263 -15.69 30.49 16.70
N LYS B 264 -16.52 29.74 17.47
CA LYS B 264 -17.98 29.94 17.58
C LYS B 264 -18.40 31.40 17.85
N ASP B 265 -17.70 32.11 18.76
CA ASP B 265 -17.96 33.53 19.07
C ASP B 265 -16.71 34.41 18.83
N LYS B 266 -15.66 33.80 18.21
CA LYS B 266 -14.38 34.42 17.83
C LYS B 266 -14.17 34.29 16.30
N TYR B 267 -15.28 34.37 15.56
CA TYR B 267 -15.48 34.26 14.12
C TYR B 267 -14.94 35.49 13.34
N GLU B 268 -15.04 36.69 13.98
CA GLU B 268 -14.75 38.04 13.46
C GLU B 268 -13.35 38.21 12.83
N SER B 269 -12.37 37.41 13.27
CA SER B 269 -11.02 37.47 12.72
C SER B 269 -10.92 36.71 11.40
N LEU B 270 -11.43 35.46 11.36
CA LEU B 270 -11.40 34.58 10.18
C LEU B 270 -12.11 35.23 9.01
N VAL B 271 -13.27 35.82 9.30
CA VAL B 271 -14.12 36.56 8.38
C VAL B 271 -13.37 37.78 7.75
N GLU B 272 -12.37 38.32 8.48
CA GLU B 272 -11.56 39.43 7.99
C GLU B 272 -10.56 38.87 7.03
N LYS B 273 -9.95 37.73 7.42
CA LYS B 273 -8.94 36.98 6.68
C LYS B 273 -9.52 36.39 5.39
N VAL B 274 -10.88 36.14 5.34
CA VAL B 274 -11.56 35.64 4.13
C VAL B 274 -11.82 36.80 3.19
N LYS B 275 -12.35 37.94 3.75
CA LYS B 275 -12.66 39.17 3.01
C LYS B 275 -11.38 39.66 2.30
N GLU B 276 -10.22 39.35 2.91
CA GLU B 276 -8.90 39.62 2.37
C GLU B 276 -8.70 38.64 1.21
N PHE B 277 -8.68 37.31 1.50
CA PHE B 277 -8.52 36.25 0.51
C PHE B 277 -9.38 36.46 -0.72
N LEU B 278 -10.58 37.04 -0.52
CA LEU B 278 -11.52 37.28 -1.60
C LEU B 278 -11.14 38.42 -2.51
N SER B 279 -10.62 39.55 -1.97
CA SER B 279 -10.18 40.71 -2.76
C SER B 279 -9.15 40.33 -3.86
N THR B 280 -8.35 39.28 -3.58
CA THR B 280 -7.29 38.63 -4.37
C THR B 280 -7.76 38.09 -5.73
N LEU B 281 -8.68 37.15 -5.65
CA LEU B 281 -9.21 36.46 -6.80
C LEU B 281 -9.76 37.45 -7.79
N ARG C 41 29.25 -23.88 30.61
CA ARG C 41 30.15 -24.49 31.58
C ARG C 41 30.69 -25.88 31.13
N ILE C 42 30.27 -26.35 29.95
CA ILE C 42 30.66 -27.66 29.42
C ILE C 42 31.48 -27.58 28.12
N LYS C 43 31.81 -28.77 27.56
CA LYS C 43 32.60 -28.93 26.34
C LYS C 43 31.76 -28.69 25.09
N LYS C 44 32.04 -27.56 24.46
CA LYS C 44 31.44 -27.10 23.23
C LYS C 44 32.41 -27.58 22.16
N ILE C 45 31.99 -28.58 21.33
CA ILE C 45 32.80 -29.19 20.26
C ILE C 45 32.12 -29.09 18.89
N SER C 46 32.72 -28.33 17.93
CA SER C 46 32.18 -28.14 16.57
C SER C 46 32.51 -29.29 15.61
N ILE C 47 31.58 -29.49 14.70
CA ILE C 47 31.71 -30.45 13.67
C ILE C 47 31.81 -29.61 12.44
N GLU C 48 32.90 -29.78 11.71
CA GLU C 48 33.12 -29.07 10.45
C GLU C 48 33.12 -29.98 9.25
N GLY C 49 33.06 -29.40 8.06
CA GLY C 49 33.09 -30.17 6.82
C GLY C 49 32.50 -29.42 5.66
N ASN C 50 32.51 -30.04 4.45
CA ASN C 50 31.96 -29.44 3.23
C ASN C 50 30.48 -29.79 3.15
N ILE C 51 29.79 -29.31 2.13
CA ILE C 51 28.37 -29.58 2.07
C ILE C 51 28.10 -31.04 1.94
N ALA C 52 27.21 -31.53 2.81
CA ALA C 52 26.76 -32.91 2.81
C ALA C 52 27.85 -33.96 2.88
N ALA C 53 28.92 -33.69 3.61
CA ALA C 53 29.96 -34.65 3.73
C ALA C 53 29.34 -35.75 4.53
N GLY C 54 28.54 -35.32 5.48
CA GLY C 54 27.94 -36.22 6.45
C GLY C 54 27.83 -35.76 7.91
N LYS C 55 27.94 -34.46 8.15
CA LYS C 55 27.88 -33.99 9.52
C LYS C 55 26.59 -34.35 10.19
N SER C 56 25.47 -34.14 9.51
CA SER C 56 24.21 -34.39 10.15
C SER C 56 24.05 -35.83 10.56
N THR C 57 24.41 -36.74 9.66
CA THR C 57 24.27 -38.14 9.98
C THR C 57 25.13 -38.51 11.15
N PHE C 58 26.36 -38.04 11.12
CA PHE C 58 27.27 -38.38 12.19
C PHE C 58 26.78 -37.86 13.53
N VAL C 59 26.35 -36.60 13.55
CA VAL C 59 25.93 -36.04 14.82
C VAL C 59 24.71 -36.73 15.33
N ASN C 60 23.78 -37.04 14.44
CA ASN C 60 22.57 -37.68 14.90
C ASN C 60 22.89 -39.04 15.51
N ILE C 61 23.80 -39.81 14.90
CA ILE C 61 24.15 -41.08 15.56
C ILE C 61 24.84 -40.90 16.91
N LEU C 62 25.72 -39.92 17.06
CA LEU C 62 26.40 -39.79 18.37
C LEU C 62 25.39 -39.52 19.49
N LYS C 63 24.51 -38.57 19.25
CA LYS C 63 23.42 -38.18 20.15
C LYS C 63 22.70 -39.46 20.61
N GLN C 64 22.85 -40.54 19.78
CA GLN C 64 22.33 -41.92 19.95
C GLN C 64 23.27 -42.85 20.75
N LEU C 65 24.52 -42.41 21.01
CA LEU C 65 25.53 -43.15 21.78
C LEU C 65 25.32 -42.91 23.29
N SER C 66 25.13 -41.64 23.71
CA SER C 66 24.92 -41.24 25.11
C SER C 66 23.67 -40.38 25.29
N GLU C 67 22.98 -40.56 26.45
CA GLU C 67 21.79 -39.79 26.85
C GLU C 67 22.25 -38.37 27.21
N ASP C 68 23.45 -38.27 27.74
CA ASP C 68 24.08 -37.03 28.18
C ASP C 68 24.47 -36.10 27.04
N TRP C 69 24.45 -36.62 25.83
CA TRP C 69 24.89 -35.90 24.63
C TRP C 69 23.70 -35.38 23.82
N GLU C 70 23.79 -34.09 23.45
CA GLU C 70 22.83 -33.34 22.65
C GLU C 70 23.63 -32.56 21.58
N VAL C 71 23.05 -32.40 20.37
CA VAL C 71 23.69 -31.73 19.24
C VAL C 71 22.88 -30.54 18.74
N VAL C 72 23.52 -29.41 18.51
CA VAL C 72 22.85 -28.20 18.03
C VAL C 72 22.99 -28.27 16.54
N PRO C 73 21.92 -28.50 15.75
CA PRO C 73 22.11 -28.58 14.30
C PRO C 73 22.03 -27.22 13.62
N GLU C 74 22.41 -27.20 12.32
CA GLU C 74 22.38 -26.00 11.49
C GLU C 74 20.91 -25.64 11.24
N PRO C 75 20.51 -24.36 11.32
CA PRO C 75 19.09 -24.01 11.08
C PRO C 75 18.74 -23.94 9.58
N VAL C 76 19.14 -24.97 8.82
CA VAL C 76 18.95 -25.05 7.36
C VAL C 76 17.46 -25.11 7.00
N ALA C 77 16.62 -25.64 7.90
CA ALA C 77 15.17 -25.65 7.70
C ALA C 77 14.67 -24.20 7.83
N ARG C 78 15.25 -23.42 8.80
CA ARG C 78 14.92 -22.01 9.09
C ARG C 78 15.34 -21.09 7.93
N TRP C 79 16.35 -21.50 7.13
CA TRP C 79 16.81 -20.76 5.97
C TRP C 79 15.95 -21.09 4.75
N SER C 80 15.18 -22.18 4.79
CA SER C 80 14.30 -22.57 3.69
C SER C 80 12.94 -21.86 3.78
N ASN C 81 12.52 -21.50 5.00
CA ASN C 81 11.27 -20.79 5.27
C ASN C 81 11.53 -19.74 6.35
N VAL C 82 11.84 -18.54 5.86
CA VAL C 82 12.20 -17.50 6.74
C VAL C 82 10.98 -17.16 7.51
N GLN C 83 11.07 -17.51 8.77
CA GLN C 83 10.02 -17.23 9.75
C GLN C 83 10.56 -16.52 11.00
N SER C 84 9.72 -15.68 11.65
CA SER C 84 10.08 -14.95 12.88
C SER C 84 10.09 -15.89 14.12
N THR C 85 10.01 -15.35 15.37
CA THR C 85 9.98 -16.08 16.65
C THR C 85 11.30 -16.90 16.84
N LYS C 97 2.00 -18.39 7.22
CA LYS C 97 2.92 -17.71 6.31
C LYS C 97 4.00 -18.65 5.78
N ASN C 98 4.20 -18.65 4.44
CA ASN C 98 5.21 -19.50 3.78
C ASN C 98 6.26 -18.67 3.04
N GLY C 99 7.18 -18.09 3.82
CA GLY C 99 8.28 -17.25 3.37
C GLY C 99 9.29 -17.96 2.49
N GLY C 100 10.01 -17.19 1.69
CA GLY C 100 10.99 -17.70 0.74
C GLY C 100 12.26 -18.25 1.34
N ASN C 101 13.01 -19.00 0.55
CA ASN C 101 14.24 -19.52 1.07
C ASN C 101 15.36 -18.64 0.57
N VAL C 102 15.88 -17.90 1.52
CA VAL C 102 16.99 -16.99 1.35
C VAL C 102 18.21 -17.86 0.93
N LEU C 103 18.11 -19.21 1.14
CA LEU C 103 19.08 -20.23 0.72
C LEU C 103 18.96 -20.46 -0.77
N GLN C 104 17.71 -20.53 -1.31
CA GLN C 104 17.49 -20.69 -2.75
C GLN C 104 17.95 -19.42 -3.47
N MET C 105 17.40 -18.25 -3.02
CA MET C 105 17.69 -16.91 -3.54
C MET C 105 19.18 -16.61 -3.62
N MET C 106 19.96 -17.09 -2.66
CA MET C 106 21.40 -16.87 -2.76
C MET C 106 22.03 -17.68 -3.87
N TYR C 107 21.77 -18.98 -3.84
CA TYR C 107 22.29 -19.86 -4.89
C TYR C 107 21.82 -19.45 -6.29
N GLU C 108 20.58 -18.88 -6.40
CA GLU C 108 19.94 -18.40 -7.65
C GLU C 108 20.60 -17.12 -8.19
N LYS C 109 20.60 -16.03 -7.40
CA LYS C 109 21.24 -14.75 -7.74
C LYS C 109 22.26 -14.54 -6.60
N PRO C 110 23.44 -15.21 -6.68
CA PRO C 110 24.43 -15.08 -5.59
C PRO C 110 24.95 -13.67 -5.41
N GLU C 111 25.20 -12.98 -6.54
CA GLU C 111 25.65 -11.59 -6.60
C GLU C 111 24.75 -10.64 -5.75
N ARG C 112 23.41 -10.94 -5.69
CA ARG C 112 22.33 -10.18 -5.05
C ARG C 112 21.96 -10.61 -3.63
N TRP C 113 21.89 -11.91 -3.38
CA TRP C 113 21.47 -12.38 -2.07
C TRP C 113 22.57 -12.98 -1.20
N SER C 114 23.84 -12.90 -1.64
CA SER C 114 24.96 -13.42 -0.86
C SER C 114 25.03 -12.74 0.51
N PHE C 115 24.99 -11.38 0.54
CA PHE C 115 25.04 -10.66 1.79
C PHE C 115 23.91 -11.06 2.72
N THR C 116 22.70 -10.81 2.31
CA THR C 116 21.63 -11.00 3.24
C THR C 116 21.60 -12.39 3.79
N PHE C 117 21.75 -13.37 2.94
CA PHE C 117 21.74 -14.73 3.43
C PHE C 117 22.81 -14.97 4.47
N GLN C 118 24.05 -14.54 4.17
CA GLN C 118 25.22 -14.75 5.04
C GLN C 118 25.06 -14.21 6.45
N THR C 119 24.44 -13.01 6.58
CA THR C 119 24.17 -12.37 7.86
C THR C 119 23.12 -13.16 8.60
N TYR C 120 22.03 -13.51 7.92
CA TYR C 120 20.93 -14.29 8.52
C TYR C 120 21.38 -15.69 8.94
N ALA C 121 22.15 -16.38 8.09
CA ALA C 121 22.64 -17.73 8.37
C ALA C 121 23.47 -17.71 9.63
N CYS C 122 24.15 -16.59 9.87
CA CYS C 122 25.03 -16.39 11.00
C CYS C 122 24.33 -16.03 12.27
N LEU C 123 23.34 -15.13 12.18
CA LEU C 123 22.52 -14.68 13.29
C LEU C 123 21.69 -15.87 13.83
N SER C 124 21.07 -16.64 12.91
CA SER C 124 20.24 -17.84 13.18
C SER C 124 21.02 -18.88 13.97
N ARG C 125 22.33 -19.02 13.64
CA ARG C 125 23.26 -19.92 14.28
C ARG C 125 23.46 -19.41 15.69
N ILE C 126 24.26 -18.34 15.88
CA ILE C 126 24.61 -17.75 17.20
C ILE C 126 23.41 -17.70 18.13
N ARG C 127 22.22 -17.33 17.63
CA ARG C 127 21.04 -17.27 18.48
C ARG C 127 20.62 -18.67 18.96
N ALA C 128 20.46 -19.65 18.04
CA ALA C 128 20.05 -21.01 18.38
C ALA C 128 21.11 -21.79 19.13
N GLN C 129 22.40 -21.45 18.92
CA GLN C 129 23.57 -22.03 19.57
C GLN C 129 23.55 -21.64 21.03
N LEU C 130 23.31 -20.33 21.31
CA LEU C 130 23.27 -19.76 22.66
C LEU C 130 22.11 -20.33 23.48
N ALA C 131 20.94 -20.48 22.84
CA ALA C 131 19.73 -21.04 23.42
C ALA C 131 19.97 -22.47 23.92
N SER C 132 20.83 -23.21 23.20
CA SER C 132 21.19 -24.58 23.54
C SER C 132 21.97 -24.61 24.84
N LEU C 133 22.82 -23.60 25.10
CA LEU C 133 23.61 -23.51 26.33
C LEU C 133 22.72 -23.24 27.54
N ASN C 134 21.74 -22.31 27.39
CA ASN C 134 20.77 -21.88 28.42
C ASN C 134 19.85 -23.01 28.89
N GLY C 135 19.21 -23.68 27.94
CA GLY C 135 18.27 -24.77 28.19
C GLY C 135 18.88 -26.10 28.63
N LYS C 136 20.11 -26.39 28.11
CA LYS C 136 20.91 -27.61 28.32
C LYS C 136 20.77 -28.29 29.68
N LEU C 137 20.79 -29.61 29.69
CA LEU C 137 20.66 -30.33 30.93
C LEU C 137 22.03 -30.43 31.56
N LYS C 138 22.25 -29.52 32.49
CA LYS C 138 23.47 -29.38 33.28
C LYS C 138 23.54 -30.57 34.26
N ASP C 139 22.37 -31.22 34.46
CA ASP C 139 22.15 -32.41 35.29
C ASP C 139 22.66 -33.67 34.54
N ALA C 140 23.96 -33.64 34.16
CA ALA C 140 24.70 -34.69 33.46
C ALA C 140 26.18 -34.65 33.91
N GLU C 141 26.80 -35.84 34.12
CA GLU C 141 28.17 -36.00 34.61
C GLU C 141 29.24 -35.38 33.70
N LYS C 142 29.43 -35.93 32.49
CA LYS C 142 30.40 -35.42 31.52
C LYS C 142 29.63 -34.88 30.30
N PRO C 143 28.93 -33.71 30.40
CA PRO C 143 28.12 -33.24 29.27
C PRO C 143 28.90 -32.55 28.18
N VAL C 144 28.61 -32.92 26.91
CA VAL C 144 29.26 -32.30 25.76
C VAL C 144 28.22 -31.91 24.69
N LEU C 145 28.43 -30.72 24.11
CA LEU C 145 27.61 -30.15 23.05
C LEU C 145 28.36 -30.26 21.73
N PHE C 146 27.67 -30.74 20.67
CA PHE C 146 28.23 -30.81 19.32
C PHE C 146 27.51 -29.82 18.43
N PHE C 147 28.27 -28.89 17.83
CA PHE C 147 27.69 -27.89 16.95
C PHE C 147 27.94 -28.27 15.52
N GLU C 148 26.87 -28.33 14.73
CA GLU C 148 26.96 -28.59 13.31
C GLU C 148 27.38 -27.21 12.78
N ARG C 149 28.71 -27.08 12.51
CA ARG C 149 29.47 -25.92 12.02
C ARG C 149 29.60 -24.80 13.05
N SER C 150 30.72 -24.11 12.98
CA SER C 150 31.06 -22.98 13.83
C SER C 150 30.58 -21.69 13.17
N VAL C 151 30.55 -20.59 13.97
CA VAL C 151 30.25 -19.26 13.48
C VAL C 151 31.44 -18.78 12.62
N TYR C 152 32.64 -19.34 12.92
CA TYR C 152 33.94 -19.09 12.29
C TYR C 152 33.95 -19.57 10.84
N SER C 153 33.34 -20.74 10.57
CA SER C 153 33.24 -21.27 9.21
C SER C 153 32.31 -20.40 8.35
N ASP C 154 31.19 -19.87 8.93
CA ASP C 154 30.25 -19.00 8.21
C ASP C 154 31.02 -17.89 7.52
N ARG C 155 31.90 -17.22 8.27
CA ARG C 155 32.72 -16.15 7.74
C ARG C 155 33.90 -16.67 6.94
N TYR C 156 34.89 -17.25 7.63
CA TYR C 156 36.18 -17.69 7.11
C TYR C 156 36.15 -18.79 5.99
N ILE C 157 34.97 -19.34 5.63
CA ILE C 157 34.86 -20.32 4.53
C ILE C 157 33.83 -19.85 3.50
N PHE C 158 32.56 -19.73 3.91
CA PHE C 158 31.45 -19.40 3.03
C PHE C 158 31.43 -17.96 2.54
N ALA C 159 31.27 -16.95 3.45
CA ALA C 159 31.24 -15.54 3.10
C ALA C 159 32.59 -15.15 2.50
N SER C 160 33.70 -15.65 3.09
CA SER C 160 35.06 -15.46 2.59
C SER C 160 35.01 -15.83 1.11
N ASN C 161 34.51 -17.06 0.78
CA ASN C 161 34.37 -17.54 -0.59
C ASN C 161 33.55 -16.58 -1.44
N LEU C 162 32.33 -16.25 -1.05
CA LEU C 162 31.58 -15.43 -1.95
C LEU C 162 32.27 -14.11 -2.21
N TYR C 163 32.82 -13.51 -1.19
CA TYR C 163 33.47 -12.23 -1.40
C TYR C 163 34.51 -12.39 -2.51
N GLU C 164 35.34 -13.44 -2.41
CA GLU C 164 36.41 -13.79 -3.36
C GLU C 164 35.83 -14.25 -4.74
N SER C 165 34.59 -14.75 -4.72
CA SER C 165 33.84 -15.18 -5.88
C SER C 165 33.28 -13.95 -6.58
N GLU C 166 33.34 -12.78 -5.90
CA GLU C 166 32.86 -11.46 -6.34
C GLU C 166 31.31 -11.32 -6.21
N CYS C 167 30.64 -12.24 -5.44
CA CYS C 167 29.18 -12.20 -5.19
C CYS C 167 28.89 -11.19 -4.12
N MET C 168 29.93 -10.82 -3.39
CA MET C 168 29.85 -9.83 -2.35
C MET C 168 30.76 -8.64 -2.65
N ASN C 169 30.20 -7.42 -2.54
CA ASN C 169 30.90 -6.16 -2.72
C ASN C 169 31.93 -6.02 -1.56
N GLU C 170 32.93 -5.12 -1.70
CA GLU C 170 33.90 -4.85 -0.64
C GLU C 170 33.12 -4.16 0.47
N THR C 171 32.22 -3.24 0.08
CA THR C 171 31.25 -2.55 0.93
C THR C 171 30.41 -3.62 1.67
N GLU C 172 29.87 -4.60 0.93
CA GLU C 172 29.09 -5.71 1.52
C GLU C 172 29.93 -6.51 2.54
N TRP C 173 31.17 -6.90 2.17
CA TRP C 173 32.03 -7.71 3.00
C TRP C 173 32.57 -6.95 4.22
N THR C 174 32.86 -5.62 4.08
CA THR C 174 33.32 -4.73 5.18
C THR C 174 32.27 -4.72 6.27
N ILE C 175 31.01 -4.48 5.86
CA ILE C 175 29.81 -4.45 6.68
C ILE C 175 29.64 -5.82 7.30
N TYR C 176 29.90 -6.90 6.54
CA TYR C 176 29.80 -8.26 7.05
C TYR C 176 30.81 -8.55 8.14
N GLN C 177 32.10 -8.30 7.87
CA GLN C 177 33.18 -8.52 8.81
C GLN C 177 33.02 -7.62 10.05
N ASP C 178 32.52 -6.38 9.85
CA ASP C 178 32.20 -5.41 10.89
C ASP C 178 31.15 -6.07 11.83
N TRP C 179 30.08 -6.63 11.22
CA TRP C 179 28.94 -7.29 11.88
C TRP C 179 29.36 -8.53 12.63
N HIS C 180 30.07 -9.47 11.98
CA HIS C 180 30.56 -10.72 12.59
C HIS C 180 31.46 -10.45 13.78
N ASP C 181 32.29 -9.38 13.69
CA ASP C 181 33.21 -8.97 14.75
C ASP C 181 32.47 -8.40 15.95
N TRP C 182 31.47 -7.53 15.72
CA TRP C 182 30.65 -6.96 16.78
C TRP C 182 29.84 -8.08 17.45
N MET C 183 28.97 -8.76 16.66
CA MET C 183 28.10 -9.85 17.12
C MET C 183 28.84 -10.85 18.00
N ASN C 184 29.90 -11.49 17.50
CA ASN C 184 30.63 -12.45 18.34
C ASN C 184 31.39 -11.90 19.56
N ASN C 185 32.17 -10.86 19.38
CA ASN C 185 32.95 -10.35 20.49
C ASN C 185 32.06 -9.91 21.62
N GLN C 186 30.98 -9.21 21.29
CA GLN C 186 30.07 -8.77 22.32
C GLN C 186 28.94 -9.76 22.24
N PHE C 187 28.69 -10.41 23.37
CA PHE C 187 27.63 -11.42 23.54
C PHE C 187 27.86 -12.74 22.82
N GLY C 188 29.07 -12.98 22.38
CA GLY C 188 29.46 -14.22 21.73
C GLY C 188 30.60 -14.93 22.44
N GLN C 189 31.08 -14.36 23.54
CA GLN C 189 32.21 -14.89 24.27
C GLN C 189 31.98 -16.27 24.83
N SER C 190 30.79 -16.56 25.30
CA SER C 190 30.61 -17.87 25.95
C SER C 190 30.67 -18.99 24.90
N LEU C 191 30.27 -18.66 23.66
CA LEU C 191 30.26 -19.54 22.50
C LEU C 191 31.69 -19.94 22.05
N GLU C 192 32.68 -19.80 22.97
CA GLU C 192 34.07 -20.18 22.71
C GLU C 192 34.13 -21.72 22.58
N LEU C 193 34.85 -22.17 21.56
CA LEU C 193 35.00 -23.59 21.24
C LEU C 193 36.10 -24.25 22.09
N ASP C 194 35.98 -25.57 22.27
CA ASP C 194 36.95 -26.37 23.03
C ASP C 194 37.69 -27.38 22.15
N GLY C 195 36.97 -27.97 21.20
CA GLY C 195 37.53 -28.92 20.25
C GLY C 195 36.75 -28.92 18.95
N ILE C 196 37.40 -29.39 17.90
CA ILE C 196 36.77 -29.46 16.59
C ILE C 196 36.95 -30.81 15.93
N ILE C 197 35.95 -31.21 15.17
CA ILE C 197 35.93 -32.48 14.46
C ILE C 197 35.78 -32.13 12.97
N TYR C 198 36.88 -32.23 12.18
CA TYR C 198 36.87 -31.96 10.74
C TYR C 198 36.54 -33.24 10.03
N LEU C 199 35.42 -33.23 9.32
CA LEU C 199 35.00 -34.40 8.57
C LEU C 199 35.50 -34.24 7.15
N GLN C 200 36.64 -34.86 6.92
CA GLN C 200 37.25 -34.81 5.63
C GLN C 200 36.45 -35.56 4.63
N ALA C 201 36.35 -34.97 3.46
CA ALA C 201 35.66 -35.58 2.33
C ALA C 201 36.01 -34.86 1.04
N THR C 202 36.34 -35.67 0.02
CA THR C 202 36.69 -35.18 -1.30
C THR C 202 35.51 -34.43 -1.89
N PRO C 203 35.74 -33.31 -2.62
CA PRO C 203 34.61 -32.60 -3.23
C PRO C 203 33.80 -33.50 -4.17
N GLU C 204 34.39 -34.64 -4.63
CA GLU C 204 33.71 -35.63 -5.46
C GLU C 204 32.65 -36.39 -4.65
N THR C 205 33.03 -36.78 -3.40
CA THR C 205 32.16 -37.47 -2.45
C THR C 205 31.00 -36.56 -2.15
N CYS C 206 31.30 -35.29 -1.88
CA CYS C 206 30.31 -34.28 -1.58
C CYS C 206 29.29 -34.13 -2.66
N LEU C 207 29.72 -33.92 -3.92
CA LEU C 207 28.84 -33.75 -5.07
C LEU C 207 27.91 -34.93 -5.27
N HIS C 208 28.41 -36.17 -5.12
CA HIS C 208 27.57 -37.36 -5.19
C HIS C 208 26.58 -37.34 -4.01
N ARG C 209 27.08 -37.08 -2.79
CA ARG C 209 26.25 -37.04 -1.59
C ARG C 209 25.21 -35.91 -1.61
N ILE C 210 25.46 -34.92 -2.45
CA ILE C 210 24.58 -33.81 -2.69
C ILE C 210 23.31 -34.24 -3.42
N TYR C 211 23.55 -35.09 -4.42
CA TYR C 211 22.64 -35.70 -5.37
C TYR C 211 21.95 -36.91 -4.71
N LEU C 212 22.46 -37.33 -3.56
CA LEU C 212 21.89 -38.40 -2.77
C LEU C 212 20.82 -37.77 -1.88
N ARG C 213 21.21 -36.68 -1.17
CA ARG C 213 20.42 -35.81 -0.30
C ARG C 213 19.29 -35.25 -1.17
N GLY C 214 19.69 -34.57 -2.24
CA GLY C 214 18.79 -34.09 -3.27
C GLY C 214 17.98 -32.84 -3.01
N ARG C 215 18.51 -31.90 -2.22
N ARG C 215 18.49 -31.91 -2.19
CA ARG C 215 17.81 -30.65 -1.97
CA ARG C 215 17.78 -30.65 -1.96
C ARG C 215 17.89 -29.82 -3.26
C ARG C 215 17.88 -29.82 -3.25
N ASN C 216 16.73 -29.44 -3.82
CA ASN C 216 16.63 -28.68 -5.07
C ASN C 216 17.43 -27.39 -5.07
N GLU C 217 17.44 -26.70 -3.89
CA GLU C 217 18.15 -25.45 -3.57
C GLU C 217 19.65 -25.51 -3.93
N GLU C 218 20.26 -26.66 -3.68
CA GLU C 218 21.69 -26.91 -3.86
C GLU C 218 21.97 -28.00 -4.87
N GLN C 219 21.00 -28.39 -5.72
CA GLN C 219 21.37 -29.46 -6.66
C GLN C 219 22.13 -28.88 -7.92
N GLY C 220 22.04 -27.56 -8.09
CA GLY C 220 22.75 -26.87 -9.18
C GLY C 220 24.19 -26.49 -8.92
N ILE C 221 24.73 -26.82 -7.73
CA ILE C 221 26.11 -26.48 -7.39
C ILE C 221 27.05 -27.31 -8.19
N PRO C 222 28.10 -26.69 -8.80
CA PRO C 222 29.06 -27.46 -9.60
C PRO C 222 30.27 -27.86 -8.74
N LEU C 223 31.13 -28.76 -9.29
CA LEU C 223 32.31 -29.29 -8.59
C LEU C 223 33.30 -28.20 -8.14
N GLU C 224 33.53 -27.17 -8.98
CA GLU C 224 34.39 -26.01 -8.76
C GLU C 224 33.97 -25.25 -7.50
N TYR C 225 32.65 -25.18 -7.17
CA TYR C 225 32.21 -24.52 -5.93
C TYR C 225 32.70 -25.34 -4.75
N LEU C 226 32.27 -26.61 -4.69
CA LEU C 226 32.63 -27.59 -3.66
C LEU C 226 34.14 -27.67 -3.42
N GLU C 227 34.89 -27.60 -4.51
CA GLU C 227 36.34 -27.66 -4.51
C GLU C 227 36.89 -26.44 -3.79
N LYS C 228 36.46 -25.22 -4.22
CA LYS C 228 36.89 -23.95 -3.65
C LYS C 228 36.67 -23.91 -2.14
N LEU C 229 35.60 -24.58 -1.66
CA LEU C 229 35.26 -24.69 -0.24
C LEU C 229 36.17 -25.72 0.41
N HIS C 230 36.31 -26.92 -0.21
CA HIS C 230 37.16 -27.97 0.33
C HIS C 230 38.60 -27.49 0.57
N TYR C 231 39.05 -26.57 -0.26
CA TYR C 231 40.38 -26.01 -0.11
C TYR C 231 40.46 -25.12 1.13
N LYS C 232 39.42 -24.28 1.36
CA LYS C 232 39.34 -23.40 2.53
C LYS C 232 39.29 -24.21 3.84
N HIS C 233 38.66 -25.40 3.80
CA HIS C 233 38.53 -26.32 4.93
C HIS C 233 39.85 -26.91 5.30
N GLU C 234 40.57 -27.48 4.31
CA GLU C 234 41.90 -28.06 4.50
C GLU C 234 42.83 -26.95 4.97
N SER C 235 42.77 -25.76 4.32
CA SER C 235 43.59 -24.61 4.68
C SER C 235 43.45 -24.34 6.17
N TRP C 236 42.21 -24.20 6.63
CA TRP C 236 41.91 -23.90 8.02
C TRP C 236 42.22 -25.02 8.99
N LEU C 237 41.46 -26.13 8.91
CA LEU C 237 41.48 -27.24 9.87
C LEU C 237 42.56 -28.31 9.64
N LEU C 238 43.28 -28.33 8.49
CA LEU C 238 44.34 -29.32 8.31
C LEU C 238 45.73 -28.70 8.28
N HIS C 239 46.05 -27.84 7.30
CA HIS C 239 47.37 -27.20 7.20
C HIS C 239 47.55 -26.10 8.21
N ARG C 240 46.41 -25.63 8.77
CA ARG C 240 46.25 -24.60 9.81
C ARG C 240 47.08 -23.31 9.52
N THR C 241 47.00 -22.85 8.23
CA THR C 241 47.62 -21.67 7.63
C THR C 241 46.62 -20.49 7.58
N LEU C 242 45.32 -20.82 7.65
CA LEU C 242 44.22 -19.86 7.61
C LEU C 242 44.15 -19.10 8.93
N LYS C 243 44.75 -17.90 8.93
CA LYS C 243 44.80 -17.00 10.07
C LYS C 243 43.44 -16.29 10.20
N THR C 244 42.93 -16.23 11.46
CA THR C 244 41.64 -15.61 11.81
C THR C 244 41.87 -14.46 12.78
N ASN C 245 40.86 -13.59 12.92
CA ASN C 245 40.90 -12.46 13.85
C ASN C 245 40.82 -12.95 15.33
N PHE C 246 40.05 -14.05 15.54
CA PHE C 246 39.79 -14.72 16.81
C PHE C 246 41.00 -15.60 17.18
N ASP C 247 41.67 -15.23 18.29
CA ASP C 247 42.95 -15.77 18.79
C ASP C 247 43.01 -17.24 19.27
N TYR C 248 42.10 -17.70 20.17
CA TYR C 248 42.12 -19.06 20.75
C TYR C 248 42.10 -20.22 19.73
N LEU C 249 41.75 -19.92 18.47
CA LEU C 249 41.66 -20.86 17.34
C LEU C 249 43.00 -21.53 17.00
N GLN C 250 44.13 -21.10 17.61
CA GLN C 250 45.45 -21.66 17.33
C GLN C 250 45.74 -22.96 18.13
N GLU C 251 45.50 -22.95 19.47
CA GLU C 251 45.73 -24.11 20.32
C GLU C 251 44.43 -24.93 20.59
N VAL C 252 43.59 -25.11 19.55
CA VAL C 252 42.36 -25.90 19.68
C VAL C 252 42.52 -27.26 19.03
N PRO C 253 42.12 -28.33 19.75
CA PRO C 253 42.29 -29.68 19.19
C PRO C 253 41.39 -30.01 18.01
N ILE C 254 41.94 -30.69 16.99
CA ILE C 254 41.19 -31.12 15.80
C ILE C 254 41.23 -32.63 15.66
N LEU C 255 40.12 -33.22 15.23
CA LEU C 255 40.03 -34.66 14.97
C LEU C 255 39.61 -34.84 13.53
N THR C 256 40.60 -35.07 12.67
CA THR C 256 40.38 -35.20 11.25
C THR C 256 40.05 -36.67 10.91
N LEU C 257 38.80 -36.91 10.49
CA LEU C 257 38.28 -38.24 10.15
C LEU C 257 37.88 -38.35 8.66
N ASP C 258 38.29 -39.45 7.98
CA ASP C 258 38.00 -39.68 6.56
C ASP C 258 36.65 -40.38 6.35
N VAL C 259 35.59 -39.56 6.13
CA VAL C 259 34.19 -39.99 5.95
C VAL C 259 33.85 -40.47 4.50
N ASN C 260 34.87 -40.61 3.62
CA ASN C 260 34.74 -40.99 2.20
C ASN C 260 34.16 -42.40 1.95
N GLU C 261 34.15 -43.28 2.97
CA GLU C 261 33.53 -44.61 2.91
C GLU C 261 32.26 -44.54 3.77
N ASP C 262 31.18 -44.99 3.19
CA ASP C 262 29.95 -44.82 3.86
C ASP C 262 30.15 -45.36 5.22
N PHE C 263 29.89 -44.47 6.15
CA PHE C 263 29.92 -44.77 7.58
C PHE C 263 28.52 -45.02 8.19
N LYS C 264 27.44 -44.92 7.38
CA LYS C 264 26.06 -45.12 7.80
C LYS C 264 25.84 -46.46 8.53
N ASP C 265 26.54 -47.54 8.08
CA ASP C 265 26.50 -48.88 8.67
C ASP C 265 27.86 -49.26 9.32
N LYS C 266 28.98 -48.74 8.77
CA LYS C 266 30.36 -48.98 9.24
C LYS C 266 30.96 -47.68 9.83
N TYR C 267 30.69 -47.44 11.12
CA TYR C 267 31.04 -46.24 11.88
C TYR C 267 31.95 -46.45 13.11
N GLU C 268 32.08 -47.71 13.56
CA GLU C 268 32.80 -48.14 14.77
C GLU C 268 34.22 -47.56 14.96
N SER C 269 35.00 -47.42 13.87
CA SER C 269 36.36 -46.87 13.93
C SER C 269 36.33 -45.39 14.34
N LEU C 270 35.30 -44.67 13.85
CA LEU C 270 35.05 -43.23 14.09
C LEU C 270 34.60 -42.99 15.52
N VAL C 271 33.46 -43.59 15.92
CA VAL C 271 32.86 -43.46 17.26
C VAL C 271 33.92 -43.65 18.36
N GLU C 272 34.84 -44.61 18.14
CA GLU C 272 35.93 -44.93 19.05
C GLU C 272 36.98 -43.82 19.04
N LYS C 273 37.43 -43.38 17.84
CA LYS C 273 38.43 -42.31 17.67
C LYS C 273 37.94 -40.94 18.21
N VAL C 274 36.58 -40.78 18.39
CA VAL C 274 35.88 -39.59 18.94
C VAL C 274 35.91 -39.64 20.47
N LYS C 275 35.51 -40.79 21.06
CA LYS C 275 35.52 -41.01 22.50
C LYS C 275 36.95 -40.86 23.05
N GLU C 276 37.96 -41.41 22.34
CA GLU C 276 39.37 -41.30 22.70
C GLU C 276 39.89 -39.85 22.61
N PHE C 277 39.46 -39.08 21.58
CA PHE C 277 39.82 -37.65 21.41
C PHE C 277 39.19 -36.85 22.56
N LEU C 278 38.00 -37.25 22.99
CA LEU C 278 37.32 -36.60 24.08
C LEU C 278 38.05 -36.87 25.39
N SER C 279 38.49 -38.12 25.65
CA SER C 279 39.20 -38.49 26.88
C SER C 279 40.43 -37.61 27.07
N THR C 280 41.27 -37.49 26.02
CA THR C 280 42.47 -36.65 25.98
C THR C 280 42.02 -35.21 25.67
N LEU C 281 40.98 -34.76 26.41
CA LEU C 281 40.34 -33.46 26.30
C LEU C 281 39.64 -33.30 24.93
N ARG D 41 21.90 3.35 34.30
CA ARG D 41 21.70 4.03 35.59
C ARG D 41 21.64 5.58 35.44
N ILE D 42 21.82 6.06 34.21
CA ILE D 42 21.86 7.45 33.74
C ILE D 42 20.45 7.82 33.19
N LYS D 43 20.10 9.13 33.14
CA LYS D 43 18.84 9.51 32.51
C LYS D 43 19.24 9.79 31.07
N LYS D 44 18.78 8.93 30.14
CA LYS D 44 19.10 8.93 28.71
C LYS D 44 17.84 9.29 27.84
N ILE D 45 17.88 10.45 27.14
CA ILE D 45 16.72 10.87 26.34
C ILE D 45 17.11 11.15 24.88
N SER D 46 16.16 11.01 23.92
CA SER D 46 16.49 11.18 22.49
C SER D 46 15.86 12.38 21.75
N ILE D 47 16.67 13.00 20.86
CA ILE D 47 16.27 14.07 19.95
C ILE D 47 15.92 13.39 18.62
N GLU D 48 14.62 13.46 18.30
CA GLU D 48 13.93 12.86 17.17
C GLU D 48 13.39 13.89 16.16
N GLY D 49 13.29 13.49 14.90
CA GLY D 49 12.79 14.35 13.85
C GLY D 49 13.01 13.82 12.44
N ASN D 50 12.74 14.70 11.46
CA ASN D 50 12.89 14.39 10.04
C ASN D 50 14.30 14.79 9.56
N ILE D 51 14.66 14.45 8.31
CA ILE D 51 15.96 14.73 7.68
C ILE D 51 16.25 16.24 7.73
N ALA D 52 17.39 16.63 8.35
CA ALA D 52 17.86 18.03 8.45
C ALA D 52 16.81 19.00 9.04
N ALA D 53 16.28 18.67 10.22
CA ALA D 53 15.26 19.47 10.90
C ALA D 53 15.89 20.49 11.87
N GLY D 54 16.94 20.04 12.52
CA GLY D 54 17.68 20.85 13.44
C GLY D 54 18.29 20.04 14.55
N LYS D 55 18.25 18.72 14.48
CA LYS D 55 18.77 17.92 15.55
C LYS D 55 20.22 18.16 15.79
N SER D 56 20.98 18.23 14.72
CA SER D 56 22.40 18.35 14.83
C SER D 56 22.74 19.61 15.59
N THR D 57 22.14 20.70 15.15
CA THR D 57 22.41 21.96 15.77
C THR D 57 21.94 21.98 17.20
N PHE D 58 20.76 21.45 17.41
CA PHE D 58 20.18 21.47 18.71
C PHE D 58 20.98 20.70 19.70
N VAL D 59 21.45 19.52 19.32
CA VAL D 59 22.23 18.73 20.25
C VAL D 59 23.55 19.42 20.54
N ASN D 60 24.13 20.03 19.51
CA ASN D 60 25.35 20.75 19.70
C ASN D 60 25.15 21.87 20.74
N ILE D 61 24.05 22.61 20.68
CA ILE D 61 23.84 23.66 21.66
C ILE D 61 23.72 23.15 23.11
N LEU D 62 22.95 22.09 23.27
CA LEU D 62 22.69 21.38 24.52
C LEU D 62 23.95 20.90 25.25
N LYS D 63 24.91 20.23 24.54
CA LYS D 63 26.21 19.70 25.04
C LYS D 63 27.00 20.69 25.92
N GLN D 64 26.66 21.98 25.76
CA GLN D 64 27.24 23.14 26.40
C GLN D 64 26.67 23.49 27.79
N LEU D 65 25.38 23.19 28.14
CA LEU D 65 24.93 23.54 29.51
C LEU D 65 25.73 22.80 30.60
N SER D 66 25.96 21.48 30.43
CA SER D 66 26.69 20.70 31.42
C SER D 66 27.73 19.75 30.82
N GLU D 67 28.71 19.41 31.67
CA GLU D 67 29.78 18.47 31.43
C GLU D 67 29.20 17.08 31.74
N ASP D 68 28.05 17.09 32.45
CA ASP D 68 27.24 15.92 32.79
C ASP D 68 26.35 15.56 31.57
N TRP D 69 26.15 16.55 30.67
CA TRP D 69 25.37 16.47 29.44
C TRP D 69 26.24 16.06 28.25
N GLU D 70 26.24 14.77 27.92
CA GLU D 70 26.95 14.24 26.75
C GLU D 70 25.91 13.82 25.69
N VAL D 71 26.32 13.82 24.44
CA VAL D 71 25.44 13.48 23.35
C VAL D 71 26.03 12.44 22.41
N VAL D 72 25.24 11.41 22.10
CA VAL D 72 25.60 10.31 21.20
C VAL D 72 25.06 10.79 19.84
N PRO D 73 25.91 11.09 18.85
CA PRO D 73 25.39 11.58 17.58
C PRO D 73 24.90 10.45 16.67
N GLU D 74 24.73 10.78 15.38
CA GLU D 74 24.33 9.82 14.36
C GLU D 74 25.66 9.23 13.81
N PRO D 75 25.75 7.90 13.57
CA PRO D 75 27.01 7.36 13.00
C PRO D 75 27.15 7.64 11.48
N VAL D 76 26.47 8.70 10.99
CA VAL D 76 26.32 9.18 9.61
C VAL D 76 27.64 9.41 8.92
N ALA D 77 28.70 9.61 9.70
CA ALA D 77 30.02 9.74 9.12
C ALA D 77 30.58 8.35 8.69
N ARG D 78 30.33 7.27 9.50
CA ARG D 78 30.73 5.86 9.24
C ARG D 78 29.76 5.13 8.28
N TRP D 79 28.73 5.85 7.80
CA TRP D 79 27.79 5.38 6.78
C TRP D 79 28.32 5.85 5.42
N SER D 80 28.63 7.18 5.33
CA SER D 80 29.22 7.85 4.17
C SER D 80 30.55 7.18 3.73
N ASN D 81 31.23 6.50 4.68
CA ASN D 81 32.46 5.76 4.45
C ASN D 81 32.57 4.55 5.36
N VAL D 82 32.28 3.39 4.78
CA VAL D 82 32.32 2.09 5.44
C VAL D 82 33.77 1.61 5.62
N GLN D 83 34.16 1.51 6.90
CA GLN D 83 35.49 1.07 7.37
C GLN D 83 35.34 0.21 8.63
N SER D 84 36.28 -0.76 8.83
CA SER D 84 36.29 -1.70 9.94
C SER D 84 36.76 -1.10 11.27
N LYS D 97 41.66 3.84 -1.06
CA LYS D 97 42.10 3.63 0.32
C LYS D 97 40.97 3.78 1.36
N ASN D 98 39.88 4.53 1.02
CA ASN D 98 38.77 4.83 1.92
C ASN D 98 37.57 3.85 1.83
N GLY D 99 37.00 3.64 0.64
CA GLY D 99 35.88 2.72 0.46
C GLY D 99 34.53 3.31 0.10
N GLY D 100 33.54 2.42 -0.03
CA GLY D 100 32.16 2.73 -0.45
C GLY D 100 31.33 3.66 0.42
N ASN D 101 30.18 4.13 -0.14
CA ASN D 101 29.21 5.00 0.55
C ASN D 101 27.86 4.35 0.51
N VAL D 102 27.55 3.59 1.58
CA VAL D 102 26.33 2.82 1.77
C VAL D 102 25.07 3.76 1.82
N LEU D 103 25.22 5.05 2.18
CA LEU D 103 24.13 6.04 2.20
C LEU D 103 23.78 6.52 0.80
N GLN D 104 24.82 6.79 -0.02
CA GLN D 104 24.73 7.25 -1.39
C GLN D 104 24.09 6.16 -2.25
N MET D 105 24.53 4.90 -2.09
CA MET D 105 24.00 3.79 -2.85
C MET D 105 22.59 3.36 -2.35
N MET D 106 22.19 3.83 -1.17
CA MET D 106 20.85 3.58 -0.62
C MET D 106 19.87 4.51 -1.36
N TYR D 107 20.24 5.79 -1.50
CA TYR D 107 19.49 6.81 -2.22
C TYR D 107 19.61 6.61 -3.76
N GLU D 108 20.68 5.92 -4.23
CA GLU D 108 20.90 5.64 -5.65
C GLU D 108 19.99 4.51 -6.11
N LYS D 109 20.09 3.31 -5.47
CA LYS D 109 19.25 2.13 -5.76
C LYS D 109 18.66 1.55 -4.46
N PRO D 110 17.59 2.19 -3.90
CA PRO D 110 17.02 1.73 -2.63
C PRO D 110 16.37 0.36 -2.64
N GLU D 111 15.86 -0.11 -3.78
CA GLU D 111 15.28 -1.46 -3.90
C GLU D 111 16.30 -2.59 -3.59
N ARG D 112 17.58 -2.21 -3.62
CA ARG D 112 18.68 -3.12 -3.33
C ARG D 112 19.55 -2.81 -2.11
N TRP D 113 19.99 -1.58 -1.95
CA TRP D 113 20.85 -1.22 -0.84
C TRP D 113 20.13 -0.79 0.43
N SER D 114 18.80 -0.76 0.43
CA SER D 114 18.01 -0.38 1.61
C SER D 114 18.20 -1.35 2.78
N PHE D 115 18.14 -2.69 2.51
CA PHE D 115 18.30 -3.69 3.55
C PHE D 115 19.68 -3.59 4.19
N THR D 116 20.73 -3.61 3.39
CA THR D 116 22.03 -3.54 4.00
C THR D 116 22.17 -2.25 4.76
N PHE D 117 21.82 -1.15 4.14
CA PHE D 117 21.94 0.13 4.82
C PHE D 117 21.24 0.06 6.16
N GLN D 118 19.93 -0.24 6.19
CA GLN D 118 19.18 -0.25 7.44
C GLN D 118 19.76 -1.15 8.50
N THR D 119 20.33 -2.29 8.11
CA THR D 119 21.01 -3.21 9.00
C THR D 119 22.30 -2.57 9.58
N TYR D 120 23.12 -1.92 8.72
CA TYR D 120 24.35 -1.24 9.13
C TYR D 120 24.00 -0.05 10.00
N ALA D 121 23.01 0.74 9.58
CA ALA D 121 22.53 1.92 10.29
C ALA D 121 22.28 1.61 11.77
N CYS D 122 21.33 0.70 12.02
CA CYS D 122 20.90 0.27 13.35
C CYS D 122 21.98 -0.32 14.21
N LEU D 123 22.87 -1.12 13.63
CA LEU D 123 23.96 -1.63 14.44
C LEU D 123 24.90 -0.50 14.82
N SER D 124 25.25 0.30 13.84
CA SER D 124 26.16 1.44 14.05
C SER D 124 25.68 2.30 15.20
N ARG D 125 24.34 2.45 15.31
CA ARG D 125 23.64 3.16 16.39
C ARG D 125 23.95 2.46 17.71
N ILE D 126 23.38 1.22 17.93
CA ILE D 126 23.57 0.37 19.11
C ILE D 126 25.01 0.40 19.63
N ARG D 127 25.99 0.09 18.74
CA ARG D 127 27.44 0.04 18.98
C ARG D 127 27.90 1.29 19.72
N ALA D 128 27.47 2.48 19.24
CA ALA D 128 27.81 3.82 19.76
C ALA D 128 27.00 4.21 20.96
N GLN D 129 25.69 3.86 20.95
CA GLN D 129 24.77 4.15 22.02
C GLN D 129 25.24 3.45 23.28
N LEU D 130 25.52 2.13 23.18
CA LEU D 130 26.05 1.28 24.26
C LEU D 130 27.44 1.73 24.73
N ALA D 131 28.24 2.29 23.80
CA ALA D 131 29.59 2.78 24.02
C ALA D 131 29.58 4.01 24.94
N SER D 132 28.69 4.97 24.63
CA SER D 132 28.53 6.23 25.36
C SER D 132 27.95 5.98 26.74
N LEU D 133 27.02 5.00 26.83
CA LEU D 133 26.38 4.54 28.07
C LEU D 133 27.45 4.07 29.08
N ASN D 134 28.48 3.34 28.57
CA ASN D 134 29.64 2.82 29.32
C ASN D 134 30.77 3.87 29.55
N GLY D 135 30.50 5.12 29.10
CA GLY D 135 31.40 6.27 29.19
C GLY D 135 31.77 6.73 30.58
N LYS D 136 32.64 7.79 30.64
CA LYS D 136 33.20 8.43 31.85
C LYS D 136 32.14 9.10 32.77
N LEU D 137 31.07 9.67 32.17
CA LEU D 137 29.95 10.33 32.86
C LEU D 137 29.02 9.32 33.57
N LYS D 138 29.28 7.99 33.40
CA LYS D 138 28.56 6.86 34.05
C LYS D 138 28.61 7.03 35.57
N ASP D 139 29.56 7.86 36.04
CA ASP D 139 29.71 8.21 37.44
C ASP D 139 29.70 9.75 37.52
N ALA D 140 28.48 10.35 37.59
CA ALA D 140 28.25 11.80 37.70
C ALA D 140 26.93 12.09 38.42
N GLU D 141 26.81 13.32 38.99
CA GLU D 141 25.64 13.79 39.77
C GLU D 141 24.34 13.65 39.00
N LYS D 142 24.03 14.57 38.06
CA LYS D 142 22.81 14.49 37.23
C LYS D 142 23.18 14.36 35.74
N PRO D 143 23.52 13.13 35.27
CA PRO D 143 23.94 12.99 33.88
C PRO D 143 22.82 12.65 32.92
N VAL D 144 22.85 13.33 31.78
CA VAL D 144 21.88 13.09 30.72
C VAL D 144 22.62 12.89 29.38
N LEU D 145 22.44 11.69 28.80
CA LEU D 145 23.01 11.31 27.52
C LEU D 145 21.92 11.50 26.46
N PHE D 146 22.12 12.48 25.56
CA PHE D 146 21.16 12.78 24.50
C PHE D 146 21.49 11.96 23.25
N PHE D 147 20.57 11.12 22.80
CA PHE D 147 20.81 10.28 21.62
C PHE D 147 20.30 10.97 20.36
N GLU D 148 21.10 10.87 19.28
CA GLU D 148 20.67 11.40 18.00
C GLU D 148 19.97 10.21 17.36
N ARG D 149 18.63 10.34 17.23
CA ARG D 149 17.65 9.36 16.72
C ARG D 149 17.59 8.09 17.60
N SER D 150 16.65 7.19 17.29
CA SER D 150 16.47 5.98 18.09
C SER D 150 16.61 4.71 17.29
N VAL D 151 16.73 3.60 18.01
CA VAL D 151 16.70 2.27 17.44
C VAL D 151 15.22 1.96 17.13
N TYR D 152 14.31 2.83 17.67
CA TYR D 152 12.87 2.85 17.48
C TYR D 152 12.55 3.63 16.25
N SER D 153 13.21 4.80 16.10
CA SER D 153 13.11 5.67 14.93
C SER D 153 13.50 4.89 13.68
N ASP D 154 14.61 4.14 13.76
CA ASP D 154 15.19 3.35 12.69
C ASP D 154 14.25 2.35 12.06
N ARG D 155 13.58 1.52 12.88
CA ARG D 155 12.68 0.47 12.40
C ARG D 155 11.30 1.00 11.98
N TYR D 156 10.63 1.76 12.87
CA TYR D 156 9.26 2.24 12.69
C TYR D 156 9.10 3.48 11.77
N ILE D 157 10.18 4.15 11.41
CA ILE D 157 10.04 5.24 10.47
C ILE D 157 10.74 4.86 9.17
N PHE D 158 12.06 5.01 9.16
CA PHE D 158 12.96 4.86 8.02
C PHE D 158 12.92 3.52 7.30
N ALA D 159 13.04 2.38 8.05
CA ALA D 159 13.02 1.04 7.48
C ALA D 159 11.61 0.74 7.03
N SER D 160 10.62 0.88 7.93
CA SER D 160 9.21 0.68 7.60
C SER D 160 8.89 1.38 6.28
N ASN D 161 9.17 2.70 6.20
CA ASN D 161 8.92 3.54 5.03
C ASN D 161 9.50 2.98 3.73
N LEU D 162 10.66 2.38 3.79
CA LEU D 162 11.23 1.78 2.62
C LEU D 162 10.43 0.56 2.22
N TYR D 163 10.10 -0.27 3.20
CA TYR D 163 9.33 -1.47 2.90
C TYR D 163 8.02 -1.04 2.27
N GLU D 164 7.39 0.02 2.84
CA GLU D 164 6.16 0.65 2.37
C GLU D 164 6.34 1.10 0.90
N SER D 165 7.51 1.69 0.57
CA SER D 165 7.85 2.17 -0.78
C SER D 165 8.30 1.01 -1.73
N GLU D 166 8.10 -0.26 -1.30
CA GLU D 166 8.40 -1.50 -2.04
C GLU D 166 9.92 -1.71 -2.37
N CYS D 167 10.81 -1.12 -1.54
CA CYS D 167 12.26 -1.26 -1.69
C CYS D 167 12.69 -2.52 -1.00
N MET D 168 12.15 -2.76 0.19
CA MET D 168 12.46 -3.98 0.91
C MET D 168 11.38 -4.95 0.53
N ASN D 169 11.79 -6.18 0.21
CA ASN D 169 10.79 -7.15 -0.15
C ASN D 169 10.31 -7.83 1.11
N GLU D 170 9.52 -8.89 1.00
CA GLU D 170 9.07 -9.57 2.22
C GLU D 170 10.18 -10.26 3.01
N THR D 171 11.01 -11.05 2.34
CA THR D 171 12.15 -11.70 2.98
C THR D 171 13.12 -10.69 3.62
N GLU D 172 13.42 -9.59 2.90
CA GLU D 172 14.28 -8.51 3.37
C GLU D 172 13.72 -7.95 4.69
N TRP D 173 12.46 -7.53 4.65
CA TRP D 173 11.71 -6.94 5.76
C TRP D 173 11.48 -7.91 6.93
N THR D 174 11.30 -9.20 6.63
CA THR D 174 11.08 -10.23 7.66
C THR D 174 12.35 -10.44 8.46
N ILE D 175 13.50 -10.65 7.76
CA ILE D 175 14.77 -10.87 8.44
C ILE D 175 15.27 -9.60 9.10
N TYR D 176 14.78 -8.39 8.68
CA TYR D 176 15.16 -7.12 9.30
C TYR D 176 14.59 -7.09 10.69
N GLN D 177 13.28 -7.26 10.76
CA GLN D 177 12.54 -7.24 12.00
C GLN D 177 12.96 -8.38 12.93
N ASP D 178 13.17 -9.61 12.39
CA ASP D 178 13.62 -10.79 13.15
C ASP D 178 14.85 -10.40 14.00
N TRP D 179 15.86 -9.82 13.33
CA TRP D 179 17.14 -9.33 13.80
C TRP D 179 16.98 -8.14 14.75
N HIS D 180 16.31 -7.07 14.29
CA HIS D 180 16.06 -5.86 15.09
C HIS D 180 15.43 -6.19 16.44
N ASP D 181 14.40 -7.06 16.43
CA ASP D 181 13.66 -7.51 17.60
C ASP D 181 14.51 -8.22 18.64
N TRP D 182 15.56 -8.92 18.17
CA TRP D 182 16.49 -9.71 18.95
C TRP D 182 17.61 -8.87 19.48
N MET D 183 18.13 -7.91 18.68
CA MET D 183 19.19 -7.02 19.14
C MET D 183 18.69 -6.34 20.40
N ASN D 184 17.51 -5.71 20.28
CA ASN D 184 16.85 -4.97 21.33
C ASN D 184 16.39 -5.82 22.50
N ASN D 185 16.21 -7.13 22.29
CA ASN D 185 15.82 -8.03 23.38
C ASN D 185 17.05 -8.36 24.25
N GLN D 186 18.21 -8.59 23.61
CA GLN D 186 19.44 -8.94 24.31
C GLN D 186 20.12 -7.70 24.88
N PHE D 187 20.84 -6.99 24.00
CA PHE D 187 21.69 -5.82 24.26
C PHE D 187 20.90 -4.55 24.70
N GLY D 188 19.84 -4.20 23.95
CA GLY D 188 19.00 -3.03 24.19
C GLY D 188 18.07 -3.05 25.41
N GLN D 189 18.51 -3.75 26.50
CA GLN D 189 17.85 -3.90 27.82
C GLN D 189 18.08 -2.64 28.68
N SER D 190 19.35 -2.20 28.67
CA SER D 190 19.92 -1.03 29.31
C SER D 190 19.65 0.20 28.43
N LEU D 191 19.76 0.04 27.11
CA LEU D 191 19.57 1.04 26.08
C LEU D 191 18.08 1.41 25.86
N GLU D 192 17.42 1.84 26.96
CA GLU D 192 16.00 2.22 26.95
C GLU D 192 15.85 3.70 27.22
N LEU D 193 14.95 4.33 26.48
CA LEU D 193 14.65 5.75 26.59
C LEU D 193 13.92 6.12 27.88
N ASP D 194 14.28 7.31 28.42
CA ASP D 194 13.70 7.90 29.63
C ASP D 194 12.81 9.10 29.29
N GLY D 195 12.93 9.58 28.04
CA GLY D 195 12.19 10.70 27.45
C GLY D 195 12.56 10.91 25.98
N ILE D 196 11.79 11.76 25.27
CA ILE D 196 11.99 12.08 23.85
C ILE D 196 11.75 13.60 23.59
N ILE D 197 12.56 14.24 22.71
CA ILE D 197 12.36 15.63 22.29
C ILE D 197 12.09 15.60 20.78
N TYR D 198 10.78 15.67 20.38
CA TYR D 198 10.37 15.67 18.97
C TYR D 198 10.44 17.09 18.42
N LEU D 199 11.39 17.29 17.51
CA LEU D 199 11.61 18.58 16.88
C LEU D 199 10.77 18.61 15.63
N GLN D 200 9.52 19.05 15.79
CA GLN D 200 8.50 19.17 14.75
C GLN D 200 8.87 20.30 13.77
N ALA D 201 8.94 19.96 12.50
CA ALA D 201 9.27 20.91 11.44
C ALA D 201 8.54 20.51 10.16
N THR D 202 8.05 21.52 9.41
CA THR D 202 7.35 21.35 8.13
C THR D 202 8.25 20.59 7.14
N PRO D 203 7.68 19.73 6.28
CA PRO D 203 8.53 19.06 5.29
C PRO D 203 9.17 20.08 4.34
N GLU D 204 8.55 21.26 4.18
CA GLU D 204 9.04 22.35 3.34
C GLU D 204 10.36 22.97 3.84
N THR D 205 10.47 23.25 5.17
CA THR D 205 11.69 23.82 5.77
C THR D 205 12.71 22.73 5.70
N CYS D 206 12.33 21.51 6.03
CA CYS D 206 13.34 20.49 6.03
C CYS D 206 13.98 20.38 4.66
N LEU D 207 13.16 20.46 3.64
CA LEU D 207 13.63 20.35 2.26
C LEU D 207 14.58 21.50 1.95
N HIS D 208 14.25 22.73 2.44
CA HIS D 208 15.07 23.92 2.27
C HIS D 208 16.39 23.83 3.10
N ARG D 209 16.31 23.19 4.28
CA ARG D 209 17.39 22.88 5.22
C ARG D 209 18.29 21.73 4.65
N ILE D 210 17.73 20.85 3.78
CA ILE D 210 18.45 19.77 3.10
C ILE D 210 19.32 20.40 1.99
N TYR D 211 18.75 21.43 1.29
CA TYR D 211 19.44 22.20 0.26
C TYR D 211 20.57 23.00 0.95
N LEU D 212 20.22 23.66 2.08
CA LEU D 212 21.07 24.49 2.92
C LEU D 212 22.27 23.69 3.51
N ARG D 213 22.03 22.42 3.92
CA ARG D 213 23.00 21.49 4.50
C ARG D 213 24.14 21.25 3.55
N GLY D 214 23.87 20.59 2.43
CA GLY D 214 24.88 20.33 1.41
C GLY D 214 25.23 18.90 1.07
N ARG D 215 24.62 17.92 1.76
CA ARG D 215 24.88 16.49 1.47
C ARG D 215 24.47 16.15 0.01
N ASN D 216 25.43 15.74 -0.84
CA ASN D 216 25.16 15.43 -2.24
C ASN D 216 24.37 14.17 -2.45
N GLU D 217 24.37 13.27 -1.44
CA GLU D 217 23.63 12.01 -1.41
C GLU D 217 22.11 12.25 -1.44
N GLU D 218 21.65 13.21 -0.62
CA GLU D 218 20.25 13.57 -0.46
C GLU D 218 19.86 14.85 -1.22
N GLN D 219 20.83 15.49 -1.94
CA GLN D 219 20.54 16.72 -2.69
C GLN D 219 19.44 16.49 -3.78
N GLY D 220 19.04 15.24 -4.00
CA GLY D 220 17.99 14.87 -4.95
C GLY D 220 16.78 14.23 -4.31
N ILE D 221 16.49 14.59 -3.07
CA ILE D 221 15.35 14.05 -2.32
C ILE D 221 14.03 14.73 -2.69
N PRO D 222 12.88 14.01 -2.81
CA PRO D 222 11.61 14.70 -3.16
C PRO D 222 10.84 15.20 -1.95
N LEU D 223 9.97 16.21 -2.14
CA LEU D 223 9.17 16.70 -1.01
C LEU D 223 8.24 15.61 -0.50
N GLU D 224 7.81 14.74 -1.42
CA GLU D 224 6.91 13.61 -1.20
C GLU D 224 7.45 12.63 -0.15
N TYR D 225 8.76 12.33 -0.20
CA TYR D 225 9.45 11.42 0.71
C TYR D 225 9.47 12.07 2.09
N LEU D 226 9.87 13.35 2.13
CA LEU D 226 9.94 14.15 3.35
C LEU D 226 8.61 14.15 4.12
N GLU D 227 7.50 14.33 3.39
CA GLU D 227 6.17 14.29 4.00
C GLU D 227 5.79 12.86 4.35
N LYS D 228 6.16 11.84 3.51
CA LYS D 228 5.85 10.42 3.81
C LYS D 228 6.41 10.02 5.19
N LEU D 229 7.63 10.51 5.50
CA LEU D 229 8.29 10.33 6.78
C LEU D 229 7.63 11.22 7.83
N HIS D 230 7.39 12.52 7.46
CA HIS D 230 6.78 13.53 8.33
C HIS D 230 5.49 13.04 8.99
N TYR D 231 4.66 12.33 8.21
CA TYR D 231 3.42 11.78 8.71
C TYR D 231 3.72 10.67 9.71
N LYS D 232 4.76 9.82 9.46
CA LYS D 232 5.14 8.71 10.37
C LYS D 232 5.56 9.21 11.78
N HIS D 233 6.28 10.34 11.83
CA HIS D 233 6.71 10.96 13.07
C HIS D 233 5.54 11.44 13.92
N GLU D 234 4.54 12.10 13.29
CA GLU D 234 3.33 12.64 13.94
C GLU D 234 2.47 11.49 14.45
N SER D 235 2.35 10.43 13.61
CA SER D 235 1.63 9.20 13.90
C SER D 235 2.18 8.58 15.18
N TRP D 236 3.49 8.69 15.37
CA TRP D 236 4.17 8.06 16.50
C TRP D 236 4.32 8.94 17.75
N LEU D 237 4.93 10.12 17.63
CA LEU D 237 5.24 11.03 18.73
C LEU D 237 4.16 12.07 19.00
N LEU D 238 3.25 12.33 18.03
CA LEU D 238 2.23 13.32 18.32
C LEU D 238 0.88 12.66 18.60
N HIS D 239 0.14 12.20 17.58
CA HIS D 239 -1.17 11.54 17.80
C HIS D 239 -1.03 10.22 18.58
N ARG D 240 0.19 9.63 18.55
CA ARG D 240 0.58 8.38 19.19
C ARG D 240 -0.33 7.21 18.79
N THR D 241 -0.80 7.21 17.52
CA THR D 241 -1.66 6.18 16.92
C THR D 241 -0.85 4.95 16.50
N LEU D 242 0.41 5.16 16.02
CA LEU D 242 1.40 4.16 15.58
C LEU D 242 1.82 3.31 16.77
N LYS D 243 1.70 1.97 16.61
CA LYS D 243 2.03 1.00 17.65
C LYS D 243 3.36 0.30 17.36
N THR D 244 4.09 -0.07 18.43
CA THR D 244 5.38 -0.74 18.38
C THR D 244 5.38 -2.09 19.15
N ASN D 245 6.40 -2.92 18.89
CA ASN D 245 6.65 -4.24 19.51
C ASN D 245 7.26 -4.09 20.94
N PHE D 246 7.82 -2.90 21.21
CA PHE D 246 8.43 -2.44 22.47
C PHE D 246 7.31 -1.68 23.17
N ASP D 247 6.59 -2.40 24.04
CA ASP D 247 5.39 -1.90 24.71
C ASP D 247 5.68 -1.12 26.02
N TYR D 248 6.69 -0.22 25.96
CA TYR D 248 7.09 0.66 27.04
C TYR D 248 7.05 2.10 26.53
N LEU D 249 7.14 2.27 25.20
CA LEU D 249 7.12 3.58 24.52
C LEU D 249 5.77 4.25 24.64
N GLN D 250 4.78 3.50 25.12
CA GLN D 250 3.49 4.12 25.42
C GLN D 250 3.64 5.01 26.65
N GLU D 251 4.25 4.47 27.71
CA GLU D 251 4.56 5.18 28.93
C GLU D 251 5.89 6.00 28.86
N VAL D 252 6.35 6.39 27.64
CA VAL D 252 7.55 7.25 27.51
C VAL D 252 7.09 8.72 27.35
N PRO D 253 7.67 9.71 28.06
CA PRO D 253 7.16 11.09 27.93
C PRO D 253 7.83 11.82 26.78
N ILE D 254 7.09 12.70 26.08
CA ILE D 254 7.68 13.42 24.95
C ILE D 254 7.35 14.94 25.02
N LEU D 255 8.34 15.74 24.57
CA LEU D 255 8.35 17.20 24.47
C LEU D 255 8.39 17.55 22.96
N THR D 256 7.57 18.49 22.54
CA THR D 256 7.51 18.89 21.15
C THR D 256 7.98 20.30 20.96
N LEU D 257 8.91 20.53 20.03
CA LEU D 257 9.46 21.86 19.82
C LEU D 257 9.28 22.27 18.38
N ASP D 258 8.67 23.44 18.13
CA ASP D 258 8.49 23.91 16.75
C ASP D 258 9.76 24.57 16.23
N VAL D 259 10.70 23.72 15.71
CA VAL D 259 12.01 24.12 15.17
C VAL D 259 11.92 24.76 13.76
N ASN D 260 10.68 25.14 13.33
CA ASN D 260 10.44 25.79 12.04
C ASN D 260 11.03 27.18 12.00
N GLU D 261 10.79 27.98 13.05
CA GLU D 261 11.39 29.30 13.13
C GLU D 261 12.88 29.03 13.42
N ASP D 262 13.76 29.56 12.55
CA ASP D 262 15.20 29.37 12.64
C ASP D 262 15.72 29.73 14.01
N PHE D 263 16.52 28.84 14.64
CA PHE D 263 17.02 29.06 16.00
C PHE D 263 18.55 29.03 16.13
N LYS D 264 19.29 29.02 14.99
CA LYS D 264 20.78 28.97 14.97
C LYS D 264 21.42 29.95 15.98
N ASP D 265 20.89 31.19 16.08
CA ASP D 265 21.38 32.24 17.00
C ASP D 265 20.34 32.69 18.05
N LYS D 266 19.03 32.35 17.86
CA LYS D 266 17.93 32.66 18.78
C LYS D 266 17.21 31.36 19.25
N TYR D 267 17.91 30.58 20.09
CA TYR D 267 17.49 29.30 20.63
C TYR D 267 17.08 29.34 22.12
N GLU D 268 17.12 30.52 22.76
CA GLU D 268 16.85 30.71 24.19
C GLU D 268 15.53 30.11 24.71
N SER D 269 14.44 30.18 23.93
CA SER D 269 13.12 29.65 24.35
C SER D 269 13.15 28.13 24.60
N LEU D 270 13.72 27.39 23.63
CA LEU D 270 13.86 25.93 23.59
C LEU D 270 14.58 25.41 24.82
N VAL D 271 15.88 25.76 24.97
CA VAL D 271 16.77 25.37 26.09
C VAL D 271 16.11 25.55 27.48
N GLU D 272 15.10 26.40 27.56
CA GLU D 272 14.41 26.53 28.83
C GLU D 272 13.36 25.44 28.89
N LYS D 273 12.47 25.44 27.91
CA LYS D 273 11.39 24.44 27.89
C LYS D 273 11.96 23.02 27.88
N VAL D 274 13.27 22.89 27.58
CA VAL D 274 14.02 21.64 27.56
C VAL D 274 14.44 21.31 28.99
N LYS D 275 15.16 22.25 29.68
CA LYS D 275 15.62 22.09 31.07
C LYS D 275 14.39 21.81 31.98
N GLU D 276 13.24 22.47 31.67
CA GLU D 276 11.96 22.33 32.35
C GLU D 276 11.46 20.89 32.23
N PHE D 277 11.35 20.37 30.98
CA PHE D 277 10.92 19.00 30.66
C PHE D 277 11.77 17.96 31.36
N LEU D 278 13.09 18.16 31.40
CA LEU D 278 13.96 17.17 32.00
C LEU D 278 13.74 17.03 33.52
N SER D 279 13.57 18.13 34.25
CA SER D 279 13.30 18.05 35.70
C SER D 279 11.92 17.40 36.01
N THR D 280 11.06 17.28 34.96
CA THR D 280 9.72 16.69 34.95
C THR D 280 9.80 15.14 34.77
N LEU D 281 11.04 14.62 34.56
CA LEU D 281 11.29 13.19 34.43
C LEU D 281 11.71 12.67 35.80
#